data_6ZNW
#
_entry.id   6ZNW
#
_cell.length_a   73.531
_cell.length_b   154.373
_cell.length_c   276.054
_cell.angle_alpha   90
_cell.angle_beta   90
_cell.angle_gamma   90
#
_symmetry.space_group_name_H-M   'I 2 2 2'
#
loop_
_entity.id
_entity.type
_entity.pdbx_description
1 polymer 'Citrate lyase, subunit 1'
2 polymer 'Methanosaeta concilii ACLY-B'
3 non-polymer 'CITRATE ANION'
4 non-polymer 'MAGNESIUM ION'
5 non-polymer 'PHOSPHATE ION'
6 non-polymer '(3S)-citryl-Coenzyme A'
7 water water
#
loop_
_entity_poly.entity_id
_entity_poly.type
_entity_poly.pdbx_seq_one_letter_code
_entity_poly.pdbx_strand_id
1 'polypeptide(L)'
;MAQRGIREYDAKNLLARYLPEYLDDFSYKGNLALVGPETDIEGLEAENPWLKTTRLVVKPDQLFGKRGKLGLVLLDADWE
EAKEYLNEKMGLEVTIGGITGRLSYFLIEPFTPHKEEYYVAISSDYEGDNIFFSMDGGVGVEENWEKVISIHVDSLEGID
ALDVGSKLPAELGDKRALVEEFITALWRFYSDTGFAYVEINPFTFSGRGIVPLDMVAKLDDAEEYWQKKRWSELAFPEPF
GRTPSKEELFIKEIDSKTGASLKLTILNPEGRVWTMVAGGGASVIYADTICDLGHADEMANYGEYSGDPNTEETYHYTCT
ILDLMTRSKNPNGKVLLIGGAIANFTDVAKTFKGVVMALEEYQQKLQEADIEIYVRRGGPNYEQGLKLMRDLGKRLGVPI
QVHGPETHMTRIVPLALEENQ
;
A
2 'polypeptide(L)'
;MSRKDYVLFDINTKAFVYGYQTNAIQRMLDFDYVCKRSSPSISAIINPSRAGIHKAFWGTKEIILPMYKTIPLAALAYPE
ADVMVNFASHRSAFETTMEALKEDTIRIVAVIAEGVPERQSRVMAATARKLDKIVIGPATVGGMTAGAFRIGNTAGTIEN
IIASKLYRPGCVGFVSKSGGMLNEAFNIISRNSDGIYEGVAIGGDRYPGSNMLDHILRYERNPAIKMIACLGELGGEDEY
MIIQALKEKKITKPLVAWVTGTCSPYLPASVQFGHAGAKANTEKETAQAKNDAFRQAGAYVPRSFDDYGEMVRQVYDMLL
TRGIVQKFDEPEVPRIPTDYSKALATGDIRKPTTFICTISDDSGEELLYAGKKLSDVLDRKMGIGGVIGLLWFKKELPEY
AAHFIELVIQIVADHGPAVSGAHNAIVASCAGKDLISSLCSGLLTIGPRFGGAIDDAAREFKRAQETGLAPEQFVGEMKK
KGINIPGIGHKIKSVKNPDKRVQLLISYARANFPSTELLNYALQVEELTTAKKGNLILNVAGCIGILFIDLMSSCGAFSK
EEIDEVVRLGYLNGLFALGRSIGLIGHILDQKRLGSRLYRHPAEDIAYMMPSEEEIQCKRDRGGSHHHHHH
;
B
#
# COMPACT_ATOMS: atom_id res chain seq x y z
N ALA A 2 6.19 -13.38 13.20
CA ALA A 2 7.06 -14.54 13.41
C ALA A 2 7.81 -14.42 14.75
N GLN A 3 8.07 -15.56 15.39
CA GLN A 3 8.79 -15.55 16.66
C GLN A 3 10.28 -15.55 16.35
N ARG A 4 10.99 -14.51 16.81
CA ARG A 4 12.41 -14.35 16.51
C ARG A 4 13.30 -14.45 17.76
N GLY A 5 14.30 -15.32 17.71
CA GLY A 5 15.22 -15.49 18.83
C GLY A 5 16.16 -14.32 19.02
N ILE A 6 16.53 -14.04 20.28
CA ILE A 6 17.44 -12.94 20.60
C ILE A 6 18.63 -13.44 21.44
N ARG A 7 19.76 -12.73 21.37
CA ARG A 7 20.96 -13.09 22.12
C ARG A 7 20.70 -13.03 23.60
N GLU A 8 21.35 -13.94 24.36
CA GLU A 8 21.35 -14.02 25.83
C GLU A 8 21.73 -12.64 26.40
N TYR A 9 22.69 -11.94 25.75
CA TYR A 9 23.14 -10.60 26.07
C TYR A 9 21.96 -9.62 26.07
N ASP A 10 21.14 -9.64 24.99
CA ASP A 10 19.97 -8.77 24.83
C ASP A 10 18.84 -9.12 25.80
N ALA A 11 18.55 -10.41 25.99
CA ALA A 11 17.49 -10.85 26.89
C ALA A 11 17.79 -10.50 28.36
N LYS A 12 19.05 -10.70 28.80
CA LYS A 12 19.50 -10.37 30.14
C LYS A 12 19.56 -8.85 30.34
N ASN A 13 19.91 -8.09 29.30
CA ASN A 13 19.95 -6.64 29.35
C ASN A 13 18.52 -6.08 29.47
N LEU A 14 17.54 -6.70 28.77
CA LEU A 14 16.12 -6.33 28.86
C LEU A 14 15.65 -6.61 30.29
N LEU A 15 15.99 -7.80 30.84
CA LEU A 15 15.61 -8.18 32.19
C LEU A 15 16.23 -7.24 33.23
N ALA A 16 17.49 -6.85 33.04
CA ALA A 16 18.18 -5.95 33.95
C ALA A 16 17.55 -4.54 33.90
N ARG A 17 17.13 -4.09 32.72
CA ARG A 17 16.54 -2.77 32.54
C ARG A 17 15.07 -2.64 32.95
N TYR A 18 14.22 -3.61 32.56
CA TYR A 18 12.79 -3.48 32.78
C TYR A 18 12.19 -4.36 33.88
N LEU A 19 12.86 -5.46 34.33
CA LEU A 19 12.30 -6.25 35.44
C LEU A 19 12.24 -5.46 36.78
N PRO A 20 13.19 -4.54 37.12
CA PRO A 20 13.06 -3.78 38.38
C PRO A 20 11.86 -2.83 38.48
N GLU A 21 11.03 -2.75 37.42
CA GLU A 21 9.81 -1.94 37.39
C GLU A 21 8.59 -2.73 37.93
N TYR A 22 8.66 -4.07 37.94
CA TYR A 22 7.63 -4.98 38.41
C TYR A 22 8.01 -5.58 39.77
N LEU A 23 9.32 -5.82 39.96
CA LEU A 23 9.93 -6.39 41.16
C LEU A 23 10.71 -5.30 41.90
N ASP A 24 10.69 -5.33 43.23
CA ASP A 24 11.44 -4.36 44.04
C ASP A 24 12.78 -4.92 44.53
N ASP A 25 13.36 -5.86 43.77
CA ASP A 25 14.61 -6.53 44.08
C ASP A 25 15.57 -6.32 42.92
N PHE A 26 16.12 -5.11 42.80
CA PHE A 26 17.05 -4.76 41.73
C PHE A 26 18.46 -5.24 42.04
N SER A 27 18.57 -6.47 42.57
CA SER A 27 19.83 -7.11 42.93
C SER A 27 20.63 -7.48 41.69
N TYR A 28 19.95 -7.86 40.60
CA TYR A 28 20.64 -8.21 39.36
C TYR A 28 21.00 -6.97 38.55
N LYS A 29 22.31 -6.63 38.53
CA LYS A 29 22.83 -5.51 37.75
C LYS A 29 22.92 -5.92 36.25
N GLY A 30 23.14 -4.95 35.38
CA GLY A 30 23.26 -5.22 33.96
C GLY A 30 24.68 -5.46 33.48
N ASN A 31 25.54 -6.08 34.33
CA ASN A 31 26.94 -6.37 33.99
C ASN A 31 27.06 -7.41 32.87
N LEU A 32 27.07 -6.93 31.62
CA LEU A 32 27.13 -7.78 30.45
C LEU A 32 28.05 -7.16 29.38
N ALA A 33 28.76 -8.01 28.64
CA ALA A 33 29.65 -7.57 27.57
C ALA A 33 29.52 -8.52 26.38
N LEU A 34 29.27 -7.98 25.17
CA LEU A 34 29.13 -8.81 23.98
C LEU A 34 30.35 -8.61 23.08
N VAL A 35 30.95 -9.71 22.63
CA VAL A 35 32.13 -9.70 21.80
C VAL A 35 31.85 -10.25 20.41
N GLY A 36 31.88 -9.37 19.42
CA GLY A 36 31.69 -9.74 18.03
C GLY A 36 33.00 -9.87 17.28
N PRO A 37 32.95 -10.03 15.95
CA PRO A 37 34.21 -10.16 15.19
C PRO A 37 35.06 -8.88 15.18
N GLU A 38 34.46 -7.71 14.90
CA GLU A 38 35.19 -6.44 14.85
C GLU A 38 35.03 -5.64 16.16
N THR A 39 35.19 -6.31 17.31
CA THR A 39 35.06 -5.66 18.62
C THR A 39 36.44 -5.34 19.20
N ASP A 40 36.71 -4.04 19.43
CA ASP A 40 37.97 -3.60 20.01
C ASP A 40 37.94 -3.90 21.52
N ILE A 41 38.75 -4.88 21.97
CA ILE A 41 38.85 -5.34 23.35
C ILE A 41 39.06 -4.18 24.35
N GLU A 42 39.99 -3.27 24.04
CA GLU A 42 40.33 -2.10 24.87
C GLU A 42 39.17 -1.10 25.02
N GLY A 43 38.27 -1.06 24.05
CA GLY A 43 37.11 -0.19 24.08
C GLY A 43 36.07 -0.72 25.05
N LEU A 44 35.81 -2.04 24.98
CA LEU A 44 34.89 -2.77 25.86
C LEU A 44 35.42 -2.79 27.30
N GLU A 45 36.75 -2.82 27.47
CA GLU A 45 37.45 -2.78 28.75
C GLU A 45 37.25 -1.41 29.42
N ALA A 46 37.25 -0.32 28.61
CA ALA A 46 37.02 1.05 29.06
C ALA A 46 35.52 1.30 29.32
N GLU A 47 34.65 0.58 28.60
CA GLU A 47 33.20 0.64 28.75
C GLU A 47 32.74 -0.15 29.99
N ASN A 48 33.43 -1.27 30.30
CA ASN A 48 33.10 -2.12 31.44
C ASN A 48 34.31 -2.26 32.35
N PRO A 49 34.44 -1.37 33.36
CA PRO A 49 35.58 -1.48 34.29
C PRO A 49 35.52 -2.73 35.16
N TRP A 50 34.30 -3.21 35.48
CA TRP A 50 34.04 -4.40 36.31
C TRP A 50 34.71 -5.68 35.78
N LEU A 51 35.02 -5.74 34.47
CA LEU A 51 35.65 -6.89 33.82
C LEU A 51 36.97 -7.29 34.50
N LYS A 52 37.84 -6.31 34.76
CA LYS A 52 39.16 -6.55 35.34
C LYS A 52 39.13 -6.88 36.84
N THR A 53 38.04 -6.55 37.54
CA THR A 53 37.95 -6.76 38.99
C THR A 53 36.91 -7.81 39.44
N THR A 54 36.42 -8.65 38.52
CA THR A 54 35.45 -9.68 38.87
C THR A 54 35.82 -11.05 38.27
N ARG A 55 35.31 -12.14 38.87
CA ARG A 55 35.52 -13.47 38.29
C ARG A 55 34.47 -13.60 37.16
N LEU A 56 34.89 -14.09 36.00
CA LEU A 56 34.03 -14.11 34.80
C LEU A 56 33.54 -15.49 34.32
N VAL A 57 32.60 -15.45 33.35
CA VAL A 57 32.00 -16.55 32.59
C VAL A 57 31.95 -16.07 31.14
N VAL A 58 32.51 -16.83 30.20
CA VAL A 58 32.47 -16.45 28.80
C VAL A 58 31.99 -17.66 27.96
N LYS A 59 30.92 -17.43 27.18
CA LYS A 59 30.28 -18.48 26.38
C LYS A 59 29.77 -17.94 25.04
N PRO A 60 29.67 -18.77 23.98
CA PRO A 60 29.15 -18.24 22.70
C PRO A 60 27.67 -17.92 22.74
N ASP A 61 27.29 -16.77 22.15
CA ASP A 61 25.93 -16.26 22.11
C ASP A 61 25.41 -16.20 20.66
N GLN A 62 25.30 -17.37 20.03
CA GLN A 62 24.81 -17.47 18.65
C GLN A 62 23.56 -18.35 18.53
N LEU A 63 22.71 -18.31 19.57
CA LEU A 63 21.44 -19.04 19.68
C LEU A 63 21.63 -20.56 19.76
N PHE A 64 22.27 -21.03 20.83
CA PHE A 64 22.51 -22.46 21.08
C PHE A 64 21.67 -22.90 22.26
N LEU A 70 28.00 -28.67 27.05
CA LEU A 70 28.40 -28.46 25.65
C LEU A 70 29.92 -28.40 25.46
N GLY A 71 30.66 -28.08 26.52
CA GLY A 71 32.11 -27.97 26.47
C GLY A 71 32.61 -26.64 25.94
N LEU A 72 31.72 -25.64 25.85
CA LEU A 72 32.07 -24.31 25.33
C LEU A 72 31.93 -23.19 26.36
N VAL A 73 31.30 -23.45 27.52
CA VAL A 73 31.17 -22.43 28.56
C VAL A 73 32.43 -22.42 29.44
N LEU A 74 33.08 -21.26 29.56
CA LEU A 74 34.26 -21.11 30.40
C LEU A 74 33.79 -20.50 31.72
N LEU A 75 33.91 -21.25 32.83
CA LEU A 75 33.45 -20.81 34.15
C LEU A 75 34.59 -20.41 35.08
N ASP A 76 34.35 -19.37 35.92
CA ASP A 76 35.26 -18.84 36.95
C ASP A 76 36.65 -18.51 36.40
N ALA A 77 36.80 -17.35 35.76
CA ALA A 77 38.08 -16.97 35.17
C ALA A 77 38.47 -15.48 35.38
N ASP A 78 39.76 -15.15 35.20
CA ASP A 78 40.30 -13.79 35.28
C ASP A 78 40.05 -13.08 33.93
N TRP A 79 40.18 -11.74 33.88
CA TRP A 79 40.02 -11.01 32.61
C TRP A 79 41.10 -11.44 31.58
N GLU A 80 42.30 -11.82 32.07
CA GLU A 80 43.39 -12.31 31.23
C GLU A 80 43.00 -13.68 30.67
N GLU A 81 42.51 -14.58 31.53
CA GLU A 81 42.06 -15.92 31.17
C GLU A 81 40.86 -15.88 30.20
N ALA A 82 40.02 -14.83 30.31
CA ALA A 82 38.87 -14.62 29.43
C ALA A 82 39.36 -14.25 28.02
N LYS A 83 40.39 -13.39 27.93
CA LYS A 83 41.01 -12.98 26.67
C LYS A 83 41.66 -14.18 25.96
N GLU A 84 42.17 -15.17 26.73
CA GLU A 84 42.77 -16.38 26.18
C GLU A 84 41.69 -17.22 25.48
N TYR A 85 40.51 -17.38 26.11
CA TYR A 85 39.38 -18.12 25.54
C TYR A 85 38.87 -17.41 24.28
N LEU A 86 38.81 -16.07 24.31
CA LEU A 86 38.33 -15.23 23.22
C LEU A 86 39.29 -15.28 22.02
N ASN A 87 40.62 -15.19 22.28
CA ASN A 87 41.65 -15.22 21.24
C ASN A 87 41.80 -16.60 20.58
N GLU A 88 41.35 -17.67 21.26
CA GLU A 88 41.42 -19.03 20.74
C GLU A 88 40.15 -19.43 19.97
N LYS A 89 38.97 -19.26 20.59
CA LYS A 89 37.68 -19.68 20.03
C LYS A 89 37.08 -18.80 18.91
N MET A 90 37.52 -17.53 18.79
CA MET A 90 36.98 -16.64 17.74
C MET A 90 37.29 -17.18 16.36
N GLY A 91 36.29 -17.20 15.49
CA GLY A 91 36.39 -17.70 14.12
C GLY A 91 36.55 -19.21 14.00
N LEU A 92 36.33 -19.95 15.11
CA LEU A 92 36.49 -21.39 15.14
C LEU A 92 35.38 -22.10 14.38
N GLU A 93 35.74 -22.97 13.43
CA GLU A 93 34.78 -23.74 12.66
C GLU A 93 34.23 -24.87 13.52
N VAL A 94 32.93 -24.88 13.78
CA VAL A 94 32.30 -25.88 14.63
C VAL A 94 30.98 -26.37 14.04
N THR A 95 30.67 -27.64 14.25
CA THR A 95 29.45 -28.25 13.76
C THR A 95 28.47 -28.44 14.92
N ILE A 96 27.33 -27.75 14.86
CA ILE A 96 26.29 -27.85 15.88
C ILE A 96 24.95 -28.13 15.19
N GLY A 97 24.37 -29.28 15.51
CA GLY A 97 23.10 -29.74 14.95
C GLY A 97 23.18 -30.12 13.48
N GLY A 98 24.36 -30.51 13.03
CA GLY A 98 24.61 -30.86 11.63
C GLY A 98 25.04 -29.67 10.78
N ILE A 99 24.93 -28.44 11.33
CA ILE A 99 25.28 -27.20 10.66
C ILE A 99 26.69 -26.76 11.04
N THR A 100 27.55 -26.56 10.02
CA THR A 100 28.94 -26.15 10.23
C THR A 100 29.11 -24.63 10.03
N GLY A 101 29.36 -23.92 11.11
CA GLY A 101 29.54 -22.48 11.07
C GLY A 101 30.69 -22.00 11.95
N ARG A 102 31.12 -20.74 11.80
CA ARG A 102 32.21 -20.20 12.60
C ARG A 102 31.68 -19.47 13.85
N LEU A 103 32.41 -19.53 14.97
CA LEU A 103 32.01 -18.85 16.20
C LEU A 103 32.37 -17.38 16.08
N SER A 104 31.41 -16.47 16.28
CA SER A 104 31.67 -15.03 16.13
C SER A 104 31.16 -14.13 17.26
N TYR A 105 30.16 -14.59 18.04
CA TYR A 105 29.62 -13.78 19.12
C TYR A 105 29.71 -14.48 20.47
N PHE A 106 30.23 -13.76 21.48
CA PHE A 106 30.45 -14.30 22.82
C PHE A 106 29.95 -13.36 23.91
N LEU A 107 29.37 -13.92 24.97
CA LEU A 107 28.90 -13.13 26.09
C LEU A 107 29.85 -13.27 27.30
N ILE A 108 30.25 -12.14 27.89
CA ILE A 108 31.06 -12.12 29.10
C ILE A 108 30.22 -11.53 30.22
N GLU A 109 30.16 -12.23 31.35
CA GLU A 109 29.36 -11.82 32.50
C GLU A 109 30.00 -12.31 33.82
N PRO A 110 29.65 -11.70 34.98
CA PRO A 110 30.26 -12.17 36.23
C PRO A 110 29.84 -13.58 36.61
N PHE A 111 30.75 -14.32 37.26
CA PHE A 111 30.52 -15.68 37.72
C PHE A 111 29.82 -15.62 39.05
N THR A 112 28.60 -16.18 39.14
CA THR A 112 27.87 -16.19 40.39
C THR A 112 28.02 -17.56 41.05
N PRO A 113 28.78 -17.66 42.15
CA PRO A 113 28.97 -18.96 42.81
C PRO A 113 27.66 -19.40 43.43
N HIS A 114 27.17 -20.57 43.00
CA HIS A 114 25.84 -21.02 43.40
C HIS A 114 25.74 -22.47 43.85
N LYS A 115 24.61 -22.80 44.51
CA LYS A 115 24.26 -24.14 44.95
C LYS A 115 22.94 -24.51 44.27
N GLU A 116 21.87 -23.72 44.48
CA GLU A 116 20.54 -23.95 43.91
C GLU A 116 20.51 -23.68 42.41
N GLU A 117 19.69 -24.45 41.68
CA GLU A 117 19.50 -24.27 40.25
C GLU A 117 18.02 -24.51 39.94
N TYR A 118 17.24 -23.42 39.78
CA TYR A 118 15.81 -23.52 39.52
C TYR A 118 15.51 -23.12 38.06
N TYR A 119 14.45 -23.70 37.48
CA TYR A 119 14.11 -23.49 36.09
C TYR A 119 12.78 -22.75 35.97
N VAL A 120 12.70 -21.77 35.08
CA VAL A 120 11.45 -21.03 34.83
C VAL A 120 11.30 -20.77 33.33
N ALA A 121 10.10 -21.03 32.77
CA ALA A 121 9.84 -20.79 31.36
C ALA A 121 8.44 -20.30 31.11
N ILE A 122 8.28 -19.29 30.26
CA ILE A 122 6.96 -18.79 29.89
C ILE A 122 6.76 -18.94 28.39
N SER A 123 5.69 -19.63 28.04
CA SER A 123 5.25 -19.90 26.68
C SER A 123 3.74 -19.65 26.62
N SER A 124 3.17 -19.50 25.42
CA SER A 124 1.73 -19.24 25.30
C SER A 124 0.96 -20.32 24.58
N ASP A 125 -0.32 -20.47 24.93
CA ASP A 125 -1.26 -21.37 24.29
C ASP A 125 -2.50 -20.57 23.80
N TYR A 126 -3.52 -21.23 23.22
CA TYR A 126 -4.71 -20.54 22.71
C TYR A 126 -5.57 -19.88 23.81
N GLU A 127 -5.43 -20.29 25.07
CA GLU A 127 -6.23 -19.76 26.18
C GLU A 127 -5.50 -18.73 27.08
N GLY A 128 -4.18 -18.63 26.94
CA GLY A 128 -3.37 -17.71 27.72
C GLY A 128 -1.90 -18.06 27.71
N ASP A 129 -1.22 -17.78 28.82
CA ASP A 129 0.20 -18.03 28.98
C ASP A 129 0.45 -19.12 30.04
N ASN A 130 1.47 -19.94 29.85
CA ASN A 130 1.81 -20.99 30.79
C ASN A 130 3.20 -20.76 31.37
N ILE A 131 3.29 -20.77 32.71
CA ILE A 131 4.54 -20.61 33.44
C ILE A 131 4.97 -22.00 33.91
N PHE A 132 6.20 -22.39 33.61
CA PHE A 132 6.74 -23.70 33.99
C PHE A 132 7.83 -23.50 35.03
N PHE A 133 7.79 -24.27 36.12
CA PHE A 133 8.80 -24.16 37.17
C PHE A 133 9.25 -25.53 37.66
N SER A 134 10.54 -25.67 37.97
CA SER A 134 11.12 -26.89 38.53
C SER A 134 12.32 -26.55 39.44
N MET A 135 12.69 -27.46 40.34
CA MET A 135 13.82 -27.23 41.25
C MET A 135 15.07 -28.01 40.87
N LYS A 147 7.63 -33.48 38.51
CA LYS A 147 8.90 -32.75 38.53
C LYS A 147 8.74 -31.30 38.10
N VAL A 148 7.95 -31.02 37.06
CA VAL A 148 7.74 -29.64 36.58
C VAL A 148 6.28 -29.22 36.77
N ILE A 149 6.05 -28.06 37.43
CA ILE A 149 4.70 -27.55 37.64
C ILE A 149 4.33 -26.57 36.53
N SER A 150 3.06 -26.60 36.09
CA SER A 150 2.57 -25.69 35.05
C SER A 150 1.48 -24.80 35.62
N ILE A 151 1.63 -23.48 35.51
CA ILE A 151 0.63 -22.53 35.99
C ILE A 151 0.07 -21.71 34.83
N HIS A 152 -1.24 -21.86 34.59
CA HIS A 152 -1.89 -21.17 33.47
C HIS A 152 -2.44 -19.81 33.87
N VAL A 153 -2.10 -18.79 33.08
CA VAL A 153 -2.53 -17.42 33.25
C VAL A 153 -3.49 -17.09 32.10
N ASP A 154 -4.78 -16.90 32.42
CA ASP A 154 -5.82 -16.60 31.43
C ASP A 154 -5.55 -15.25 30.74
N SER A 155 -5.86 -15.18 29.43
CA SER A 155 -5.66 -14.00 28.58
C SER A 155 -6.39 -12.76 29.06
N LEU A 156 -7.63 -12.92 29.54
CA LEU A 156 -8.43 -11.79 29.99
C LEU A 156 -8.29 -11.48 31.50
N GLU A 157 -8.05 -12.51 32.32
CA GLU A 157 -7.97 -12.34 33.78
C GLU A 157 -6.61 -11.83 34.30
N GLY A 158 -5.51 -12.33 33.74
CA GLY A 158 -4.18 -11.93 34.18
C GLY A 158 -3.65 -12.67 35.39
N ILE A 159 -2.45 -12.29 35.84
CA ILE A 159 -1.76 -12.93 36.98
C ILE A 159 -2.36 -12.56 38.35
N ASP A 160 -2.94 -11.35 38.48
CA ASP A 160 -3.53 -10.84 39.72
C ASP A 160 -4.64 -11.76 40.27
N ALA A 161 -5.34 -12.46 39.37
CA ALA A 161 -6.40 -13.40 39.71
C ALA A 161 -5.87 -14.72 40.34
N LEU A 162 -4.53 -14.95 40.30
CA LEU A 162 -3.94 -16.19 40.76
C LEU A 162 -3.08 -16.09 42.03
N ASP A 163 -3.16 -17.12 42.88
CA ASP A 163 -2.31 -17.22 44.07
C ASP A 163 -1.14 -18.08 43.63
N VAL A 164 -0.07 -17.44 43.13
CA VAL A 164 1.12 -18.13 42.65
C VAL A 164 1.83 -18.92 43.79
N GLY A 165 1.64 -18.47 45.03
CA GLY A 165 2.17 -19.07 46.25
C GLY A 165 2.07 -20.58 46.30
N SER A 166 0.93 -21.13 45.84
CA SER A 166 0.71 -22.57 45.74
C SER A 166 1.57 -23.12 44.59
N LYS A 167 2.84 -23.37 44.92
CA LYS A 167 3.93 -23.86 44.08
C LYS A 167 4.56 -25.08 44.83
N LEU A 168 5.82 -25.46 44.54
CA LEU A 168 6.45 -26.62 45.18
C LEU A 168 6.73 -26.47 46.69
N PRO A 169 6.16 -27.38 47.51
CA PRO A 169 6.46 -27.34 48.94
C PRO A 169 7.76 -28.09 49.29
N ALA A 170 8.10 -29.14 48.48
CA ALA A 170 9.22 -30.08 48.59
C ALA A 170 10.51 -29.51 49.18
N GLU A 171 10.99 -28.35 48.67
CA GLU A 171 12.21 -27.76 49.21
C GLU A 171 12.10 -26.25 49.42
N LEU A 172 11.16 -25.58 48.75
CA LEU A 172 10.97 -24.15 48.95
C LEU A 172 10.31 -23.90 50.31
N GLY A 173 10.60 -22.73 50.88
CA GLY A 173 10.08 -22.31 52.17
C GLY A 173 10.58 -20.92 52.49
N ASP A 174 11.89 -20.80 52.78
CA ASP A 174 12.54 -19.52 53.05
C ASP A 174 12.49 -18.61 51.79
N LYS A 175 12.64 -19.21 50.59
CA LYS A 175 12.64 -18.46 49.34
C LYS A 175 11.42 -18.71 48.44
N ARG A 176 10.40 -19.41 48.95
CA ARG A 176 9.16 -19.67 48.22
C ARG A 176 8.46 -18.35 47.86
N ALA A 177 8.51 -17.36 48.77
CA ALA A 177 7.92 -16.04 48.51
C ALA A 177 8.75 -15.25 47.49
N LEU A 178 10.07 -15.42 47.51
CA LEU A 178 11.00 -14.75 46.59
C LEU A 178 10.85 -15.27 45.16
N VAL A 179 10.57 -16.58 44.99
CA VAL A 179 10.36 -17.18 43.68
C VAL A 179 8.97 -16.81 43.14
N GLU A 180 7.95 -16.79 44.05
CA GLU A 180 6.58 -16.40 43.74
C GLU A 180 6.57 -14.97 43.17
N GLU A 181 7.29 -14.06 43.82
CA GLU A 181 7.42 -12.66 43.40
C GLU A 181 8.19 -12.51 42.09
N PHE A 182 9.29 -13.27 41.94
CA PHE A 182 10.12 -13.25 40.75
C PHE A 182 9.37 -13.73 39.49
N ILE A 183 8.66 -14.87 39.59
CA ILE A 183 7.96 -15.41 38.42
C ILE A 183 6.69 -14.59 38.08
N THR A 184 6.11 -13.87 39.07
CA THR A 184 4.96 -12.99 38.80
C THR A 184 5.43 -11.76 38.01
N ALA A 185 6.61 -11.22 38.38
CA ALA A 185 7.24 -10.08 37.71
C ALA A 185 7.71 -10.50 36.31
N LEU A 186 8.25 -11.73 36.18
CA LEU A 186 8.71 -12.28 34.91
C LEU A 186 7.56 -12.39 33.90
N TRP A 187 6.34 -12.76 34.37
CA TRP A 187 5.16 -12.84 33.50
C TRP A 187 4.78 -11.45 33.01
N ARG A 188 4.82 -10.44 33.89
CA ARG A 188 4.51 -9.06 33.54
C ARG A 188 5.52 -8.55 32.50
N PHE A 189 6.79 -8.89 32.70
CA PHE A 189 7.88 -8.55 31.78
C PHE A 189 7.63 -9.22 30.42
N TYR A 190 7.21 -10.49 30.41
CA TYR A 190 6.91 -11.29 29.24
C TYR A 190 5.74 -10.63 28.47
N SER A 191 4.66 -10.30 29.18
CA SER A 191 3.43 -9.73 28.65
C SER A 191 3.54 -8.30 28.12
N ASP A 192 4.34 -7.45 28.78
CA ASP A 192 4.46 -6.06 28.37
C ASP A 192 5.61 -5.78 27.39
N THR A 193 6.56 -6.72 27.25
CA THR A 193 7.72 -6.51 26.36
C THR A 193 7.63 -7.31 25.02
N GLY A 194 6.47 -7.92 24.76
CA GLY A 194 6.22 -8.63 23.51
C GLY A 194 7.00 -9.90 23.27
N PHE A 195 7.20 -10.68 24.34
CA PHE A 195 7.90 -11.95 24.23
C PHE A 195 6.94 -13.05 23.78
N ALA A 196 7.46 -13.98 23.02
CA ALA A 196 6.76 -15.17 22.58
C ALA A 196 7.25 -16.43 23.36
N TYR A 197 8.45 -16.34 23.97
CA TYR A 197 9.09 -17.38 24.75
C TYR A 197 10.22 -16.80 25.62
N VAL A 198 10.31 -17.26 26.86
CA VAL A 198 11.38 -16.90 27.79
C VAL A 198 11.74 -18.14 28.62
N GLU A 199 13.04 -18.39 28.79
CA GLU A 199 13.52 -19.53 29.54
C GLU A 199 14.74 -19.15 30.33
N ILE A 200 14.68 -19.29 31.65
CA ILE A 200 15.81 -19.04 32.52
C ILE A 200 16.15 -20.39 33.13
N ASN A 201 17.10 -21.08 32.52
CA ASN A 201 17.51 -22.42 32.90
C ASN A 201 19.03 -22.50 33.01
N PRO A 202 19.59 -22.25 34.19
CA PRO A 202 18.91 -22.02 35.47
C PRO A 202 18.96 -20.57 36.00
N PHE A 203 18.25 -20.33 37.11
CA PHE A 203 18.32 -19.10 37.90
C PHE A 203 18.76 -19.47 39.34
N THR A 204 19.38 -18.52 40.06
CA THR A 204 19.86 -18.77 41.43
C THR A 204 19.64 -17.52 42.35
N PHE A 205 20.09 -17.61 43.63
CA PHE A 205 20.00 -16.57 44.63
C PHE A 205 21.38 -15.99 44.98
N SER A 206 21.42 -14.67 45.16
CA SER A 206 22.60 -13.93 45.59
C SER A 206 22.15 -13.25 46.89
N GLY A 207 22.23 -14.00 47.99
CA GLY A 207 21.74 -13.55 49.29
C GLY A 207 20.22 -13.60 49.26
N ARG A 208 19.56 -12.44 49.35
CA ARG A 208 18.10 -12.33 49.23
C ARG A 208 17.66 -11.89 47.80
N GLY A 209 18.61 -11.79 46.86
CA GLY A 209 18.34 -11.38 45.50
C GLY A 209 18.23 -12.53 44.52
N ILE A 210 17.77 -12.25 43.28
CA ILE A 210 17.61 -13.27 42.24
C ILE A 210 18.53 -13.02 41.02
N VAL A 211 19.29 -14.05 40.60
CA VAL A 211 20.26 -13.97 39.50
C VAL A 211 20.02 -14.99 38.35
N PRO A 212 19.78 -14.53 37.10
CA PRO A 212 19.63 -15.47 35.98
C PRO A 212 20.99 -15.97 35.47
N LEU A 213 21.16 -17.29 35.28
CA LEU A 213 22.45 -17.84 34.82
C LEU A 213 22.50 -18.09 33.30
N ASP A 214 21.41 -18.62 32.74
CA ASP A 214 21.29 -18.82 31.29
C ASP A 214 19.93 -18.32 30.86
N MET A 215 19.87 -17.70 29.68
CA MET A 215 18.64 -17.16 29.18
C MET A 215 18.42 -17.40 27.68
N VAL A 216 17.23 -17.91 27.33
CA VAL A 216 16.82 -18.17 25.96
C VAL A 216 15.53 -17.39 25.78
N ALA A 217 15.45 -16.56 24.75
CA ALA A 217 14.25 -15.75 24.54
C ALA A 217 13.90 -15.55 23.09
N LYS A 218 12.61 -15.45 22.82
CA LYS A 218 12.05 -15.18 21.50
C LYS A 218 11.07 -14.02 21.63
N LEU A 219 11.17 -13.05 20.73
CA LEU A 219 10.25 -11.91 20.70
C LEU A 219 9.28 -12.09 19.53
N ASP A 220 8.02 -11.71 19.71
CA ASP A 220 7.04 -11.75 18.62
C ASP A 220 7.37 -10.50 17.81
N ASP A 221 7.98 -10.64 16.62
CA ASP A 221 8.41 -9.49 15.81
C ASP A 221 7.25 -8.55 15.37
N ALA A 222 6.00 -9.02 15.43
CA ALA A 222 4.80 -8.22 15.14
C ALA A 222 4.55 -7.10 16.20
N GLU A 223 5.21 -7.21 17.37
CA GLU A 223 5.11 -6.26 18.49
C GLU A 223 5.95 -4.99 18.30
N GLU A 224 6.85 -4.98 17.29
CA GLU A 224 7.78 -3.89 16.99
C GLU A 224 7.22 -2.47 17.12
N TYR A 225 6.04 -2.21 16.56
CA TYR A 225 5.39 -0.90 16.58
C TYR A 225 5.06 -0.41 18.00
N TRP A 226 4.76 -1.35 18.91
CA TRP A 226 4.43 -1.08 20.31
C TRP A 226 5.62 -1.18 21.26
N GLN A 227 6.81 -1.60 20.75
CA GLN A 227 7.99 -1.78 21.59
C GLN A 227 9.20 -0.95 21.14
N LYS A 228 8.97 0.22 20.53
CA LYS A 228 10.05 1.09 20.05
C LYS A 228 11.02 1.55 21.16
N LYS A 229 10.54 1.70 22.39
CA LYS A 229 11.37 2.13 23.50
C LYS A 229 12.10 0.98 24.21
N ARG A 230 11.42 -0.15 24.47
CA ARG A 230 12.05 -1.28 25.14
C ARG A 230 13.03 -2.05 24.24
N TRP A 231 12.72 -2.17 22.94
CA TRP A 231 13.59 -2.88 21.99
C TRP A 231 14.65 -1.98 21.33
N SER A 232 14.75 -0.71 21.74
CA SER A 232 15.69 0.27 21.18
C SER A 232 17.15 -0.20 21.08
N GLU A 233 17.64 -0.93 22.10
CA GLU A 233 19.02 -1.40 22.14
C GLU A 233 19.28 -2.78 21.51
N LEU A 234 18.30 -3.39 20.82
CA LEU A 234 18.51 -4.72 20.25
C LEU A 234 18.17 -4.85 18.77
N ALA A 235 18.75 -5.87 18.12
CA ALA A 235 18.52 -6.27 16.74
C ALA A 235 18.50 -7.80 16.67
N PHE A 236 17.66 -8.37 15.80
CA PHE A 236 17.54 -9.83 15.69
C PHE A 236 18.74 -10.46 14.97
N PRO A 237 19.40 -11.46 15.59
CA PRO A 237 20.55 -12.09 14.94
C PRO A 237 20.17 -13.18 13.93
N GLU A 238 21.08 -13.51 12.99
CA GLU A 238 20.85 -14.59 12.02
C GLU A 238 21.11 -15.92 12.75
N PRO A 239 20.44 -17.05 12.39
CA PRO A 239 20.72 -18.32 13.08
C PRO A 239 22.17 -18.79 12.86
N PHE A 240 22.65 -19.69 13.73
CA PHE A 240 24.02 -20.19 13.62
C PHE A 240 24.29 -20.83 12.25
N GLY A 241 25.44 -20.51 11.67
CA GLY A 241 25.83 -21.03 10.37
C GLY A 241 25.59 -20.07 9.23
N ARG A 242 24.37 -19.51 9.12
CA ARG A 242 24.06 -18.57 8.05
C ARG A 242 24.61 -17.17 8.31
N THR A 243 25.04 -16.52 7.22
CA THR A 243 25.58 -15.16 7.18
C THR A 243 24.49 -14.19 6.67
N PRO A 244 24.46 -12.93 7.16
CA PRO A 244 23.42 -11.99 6.66
C PRO A 244 23.48 -11.76 5.16
N SER A 245 22.31 -11.64 4.51
CA SER A 245 22.20 -11.45 3.06
C SER A 245 21.66 -10.05 2.72
N LYS A 246 22.40 -9.27 1.91
CA LYS A 246 22.00 -7.92 1.48
C LYS A 246 20.68 -7.93 0.73
N GLU A 247 20.44 -8.98 -0.07
CA GLU A 247 19.23 -9.17 -0.86
C GLU A 247 18.04 -9.46 0.04
N GLU A 248 18.23 -10.33 1.05
CA GLU A 248 17.17 -10.68 1.99
C GLU A 248 16.77 -9.47 2.84
N LEU A 249 17.75 -8.67 3.28
CA LEU A 249 17.49 -7.48 4.09
C LEU A 249 16.83 -6.36 3.25
N PHE A 250 17.08 -6.33 1.93
CA PHE A 250 16.47 -5.39 0.99
C PHE A 250 14.99 -5.71 0.82
N ILE A 251 14.63 -7.01 0.75
CA ILE A 251 13.25 -7.46 0.62
C ILE A 251 12.47 -7.18 1.92
N LYS A 252 13.14 -7.39 3.08
CA LYS A 252 12.58 -7.10 4.40
C LYS A 252 12.29 -5.60 4.53
N GLU A 253 13.12 -4.74 3.91
CA GLU A 253 12.99 -3.30 3.90
C GLU A 253 11.75 -2.87 3.07
N ILE A 254 11.49 -3.53 1.93
CA ILE A 254 10.32 -3.24 1.10
C ILE A 254 9.06 -3.64 1.87
N ASP A 255 9.09 -4.85 2.47
CA ASP A 255 8.02 -5.44 3.26
C ASP A 255 7.57 -4.59 4.46
N SER A 256 8.50 -3.84 5.05
CA SER A 256 8.23 -3.03 6.24
C SER A 256 7.45 -1.75 5.96
N LYS A 257 7.51 -1.24 4.72
CA LYS A 257 6.81 -0.01 4.36
C LYS A 257 5.46 -0.26 3.68
N THR A 258 4.92 -1.49 3.74
CA THR A 258 3.64 -1.81 3.12
C THR A 258 2.84 -2.86 3.90
N GLY A 259 1.52 -2.82 3.73
CA GLY A 259 0.60 -3.81 4.29
C GLY A 259 0.65 -5.11 3.53
N ALA A 260 1.12 -5.06 2.25
CA ALA A 260 1.36 -6.23 1.39
C ALA A 260 2.54 -7.06 1.95
N SER A 261 2.63 -8.34 1.54
CA SER A 261 3.69 -9.23 2.01
C SER A 261 4.72 -9.51 0.92
N LEU A 262 6.01 -9.32 1.22
CA LEU A 262 7.14 -9.58 0.31
C LEU A 262 8.20 -10.24 1.18
N LYS A 263 8.37 -11.56 1.05
CA LYS A 263 9.31 -12.33 1.87
C LYS A 263 10.26 -13.14 0.98
N LEU A 264 11.55 -13.21 1.37
CA LEU A 264 12.57 -13.96 0.62
C LEU A 264 13.63 -14.58 1.53
N THR A 265 13.87 -15.88 1.38
CA THR A 265 14.87 -16.63 2.14
C THR A 265 15.68 -17.44 1.14
N ILE A 266 17.00 -17.21 1.09
CA ILE A 266 17.87 -17.97 0.19
C ILE A 266 18.24 -19.27 0.87
N LEU A 267 17.96 -20.41 0.20
CA LEU A 267 18.26 -21.74 0.75
C LEU A 267 19.59 -22.24 0.18
N ASN A 268 19.81 -22.06 -1.12
CA ASN A 268 21.01 -22.50 -1.82
C ASN A 268 21.27 -21.53 -2.98
N PRO A 269 22.31 -20.68 -2.89
CA PRO A 269 22.58 -19.71 -3.97
C PRO A 269 22.85 -20.34 -5.34
N GLU A 270 23.47 -21.53 -5.33
CA GLU A 270 23.82 -22.29 -6.55
C GLU A 270 22.68 -23.20 -7.07
N GLY A 271 21.48 -23.05 -6.52
CA GLY A 271 20.34 -23.86 -6.93
C GLY A 271 19.78 -23.49 -8.28
N ARG A 272 19.33 -24.53 -9.02
CA ARG A 272 18.75 -24.49 -10.35
C ARG A 272 17.29 -24.02 -10.34
N VAL A 273 16.55 -24.32 -9.24
CA VAL A 273 15.13 -24.01 -9.20
C VAL A 273 14.84 -22.76 -8.35
N TRP A 274 14.34 -21.73 -9.02
CA TRP A 274 13.95 -20.49 -8.35
C TRP A 274 12.45 -20.35 -8.40
N THR A 275 11.87 -19.77 -7.35
CA THR A 275 10.43 -19.61 -7.27
C THR A 275 10.02 -18.20 -6.92
N MET A 276 8.92 -17.76 -7.53
CA MET A 276 8.29 -16.49 -7.22
C MET A 276 6.81 -16.79 -7.18
N VAL A 277 6.38 -17.35 -6.06
CA VAL A 277 5.01 -17.77 -5.87
C VAL A 277 4.25 -16.78 -5.02
N ALA A 278 3.01 -16.51 -5.41
CA ALA A 278 2.13 -15.62 -4.67
C ALA A 278 1.43 -16.40 -3.54
N GLY A 279 1.47 -15.83 -2.33
CA GLY A 279 0.79 -16.39 -1.16
C GLY A 279 1.62 -17.25 -0.24
N GLY A 280 1.33 -17.20 1.05
CA GLY A 280 1.99 -18.00 2.06
C GLY A 280 1.63 -19.47 1.88
N GLY A 281 0.36 -19.74 1.65
CA GLY A 281 -0.19 -21.08 1.44
C GLY A 281 0.33 -21.77 0.20
N ALA A 282 0.21 -21.13 -0.94
CA ALA A 282 0.65 -21.69 -2.22
C ALA A 282 2.17 -21.87 -2.32
N SER A 283 2.97 -20.97 -1.75
CA SER A 283 4.43 -21.06 -1.82
C SER A 283 4.98 -22.30 -1.14
N VAL A 284 4.35 -22.68 -0.02
CA VAL A 284 4.67 -23.87 0.74
C VAL A 284 4.33 -25.11 -0.12
N ILE A 285 3.15 -25.08 -0.79
CA ILE A 285 2.72 -26.18 -1.66
C ILE A 285 3.66 -26.36 -2.86
N TYR A 286 4.16 -25.25 -3.44
CA TYR A 286 5.12 -25.35 -4.55
C TYR A 286 6.44 -25.98 -4.06
N ALA A 287 6.89 -25.63 -2.83
CA ALA A 287 8.09 -26.21 -2.22
C ALA A 287 7.88 -27.70 -1.94
N ASP A 288 6.67 -28.07 -1.48
CA ASP A 288 6.30 -29.46 -1.21
C ASP A 288 6.41 -30.29 -2.49
N THR A 289 5.91 -29.77 -3.61
CA THR A 289 5.95 -30.45 -4.90
C THR A 289 7.38 -30.65 -5.42
N ILE A 290 8.24 -29.62 -5.29
CA ILE A 290 9.64 -29.68 -5.71
C ILE A 290 10.38 -30.75 -4.91
N CYS A 291 10.14 -30.81 -3.59
CA CYS A 291 10.73 -31.80 -2.68
C CYS A 291 10.21 -33.20 -2.97
N ASP A 292 8.91 -33.31 -3.27
CA ASP A 292 8.29 -34.60 -3.62
C ASP A 292 8.83 -35.17 -4.93
N LEU A 293 9.35 -34.31 -5.83
CA LEU A 293 9.98 -34.77 -7.07
C LEU A 293 11.51 -35.07 -6.89
N GLY A 294 12.04 -34.85 -5.68
CA GLY A 294 13.43 -35.10 -5.34
C GLY A 294 14.39 -33.97 -5.66
N HIS A 295 13.87 -32.74 -5.81
CA HIS A 295 14.69 -31.58 -6.16
C HIS A 295 14.90 -30.58 -5.01
N ALA A 296 14.85 -31.04 -3.76
CA ALA A 296 15.05 -30.21 -2.57
C ALA A 296 16.41 -29.52 -2.59
N ASP A 297 17.45 -30.25 -3.05
CA ASP A 297 18.81 -29.76 -3.17
C ASP A 297 18.92 -28.63 -4.19
N GLU A 298 18.14 -28.71 -5.29
CA GLU A 298 18.13 -27.65 -6.29
C GLU A 298 17.21 -26.47 -5.96
N MET A 299 16.46 -26.54 -4.84
CA MET A 299 15.59 -25.44 -4.45
C MET A 299 16.41 -24.28 -3.92
N ALA A 300 16.61 -23.29 -4.77
CA ALA A 300 17.43 -22.14 -4.49
C ALA A 300 16.89 -21.16 -3.44
N ASN A 301 15.57 -21.13 -3.23
CA ASN A 301 14.97 -20.19 -2.29
C ASN A 301 13.54 -20.56 -1.87
N TYR A 302 13.07 -19.92 -0.79
CA TYR A 302 11.69 -19.97 -0.36
C TYR A 302 11.26 -18.50 -0.30
N GLY A 303 10.24 -18.16 -1.05
CA GLY A 303 9.73 -16.80 -1.08
C GLY A 303 8.25 -16.71 -1.26
N GLU A 304 7.70 -15.49 -1.07
CA GLU A 304 6.28 -15.19 -1.29
C GLU A 304 6.01 -13.72 -1.36
N TYR A 305 5.01 -13.37 -2.16
CA TYR A 305 4.46 -12.05 -2.30
C TYR A 305 2.94 -12.21 -2.31
N SER A 306 2.23 -11.31 -1.62
CA SER A 306 0.77 -11.33 -1.55
C SER A 306 0.25 -9.98 -0.95
N GLY A 307 -1.05 -9.85 -0.76
CA GLY A 307 -1.63 -8.64 -0.19
C GLY A 307 -1.63 -7.47 -1.15
N ASP A 308 -1.77 -7.77 -2.45
CA ASP A 308 -1.79 -6.82 -3.55
C ASP A 308 -0.63 -5.81 -3.56
N PRO A 309 0.63 -6.28 -3.76
CA PRO A 309 1.75 -5.32 -3.84
C PRO A 309 1.70 -4.55 -5.16
N ASN A 310 2.16 -3.29 -5.16
CA ASN A 310 2.14 -2.49 -6.40
C ASN A 310 3.21 -2.94 -7.41
N THR A 311 3.14 -2.44 -8.65
CA THR A 311 4.05 -2.75 -9.74
C THR A 311 5.52 -2.51 -9.37
N GLU A 312 5.82 -1.40 -8.70
CA GLU A 312 7.18 -1.05 -8.28
C GLU A 312 7.71 -2.04 -7.26
N GLU A 313 6.88 -2.44 -6.30
CA GLU A 313 7.27 -3.43 -5.28
C GLU A 313 7.54 -4.80 -5.91
N THR A 314 6.68 -5.27 -6.83
CA THR A 314 6.89 -6.57 -7.51
C THR A 314 8.10 -6.50 -8.45
N TYR A 315 8.37 -5.32 -9.03
CA TYR A 315 9.51 -5.09 -9.89
C TYR A 315 10.82 -5.30 -9.10
N HIS A 316 10.96 -4.65 -7.92
CA HIS A 316 12.15 -4.75 -7.07
C HIS A 316 12.36 -6.17 -6.56
N TYR A 317 11.27 -6.86 -6.27
CA TYR A 317 11.28 -8.24 -5.82
C TYR A 317 11.80 -9.16 -6.95
N THR A 318 11.24 -9.01 -8.17
CA THR A 318 11.62 -9.79 -9.35
C THR A 318 13.08 -9.53 -9.72
N CYS A 319 13.53 -8.26 -9.63
CA CYS A 319 14.91 -7.85 -9.90
C CYS A 319 15.91 -8.56 -8.98
N THR A 320 15.54 -8.73 -7.70
CA THR A 320 16.40 -9.37 -6.73
C THR A 320 16.54 -10.86 -6.97
N ILE A 321 15.44 -11.54 -7.30
CA ILE A 321 15.46 -12.97 -7.62
C ILE A 321 16.29 -13.18 -8.92
N LEU A 322 16.05 -12.34 -9.96
CA LEU A 322 16.78 -12.39 -11.23
C LEU A 322 18.27 -12.15 -11.05
N ASP A 323 18.65 -11.17 -10.21
CA ASP A 323 20.05 -10.85 -9.92
C ASP A 323 20.77 -12.07 -9.35
N LEU A 324 20.22 -12.67 -8.28
CA LEU A 324 20.78 -13.83 -7.59
C LEU A 324 20.87 -15.08 -8.49
N MET A 325 19.94 -15.19 -9.44
CA MET A 325 19.80 -16.28 -10.41
C MET A 325 20.80 -16.20 -11.58
N THR A 326 21.30 -14.98 -11.88
CA THR A 326 22.20 -14.76 -13.01
C THR A 326 23.69 -14.56 -12.61
N ARG A 327 24.03 -14.83 -11.34
CA ARG A 327 25.39 -14.68 -10.86
C ARG A 327 26.26 -15.86 -11.30
N SER A 328 25.72 -17.09 -11.21
CA SER A 328 26.42 -18.32 -11.58
C SER A 328 25.78 -18.96 -12.82
N LYS A 329 26.60 -19.54 -13.71
CA LYS A 329 26.11 -20.21 -14.92
C LYS A 329 26.06 -21.70 -14.64
N ASN A 330 24.87 -22.32 -14.79
CA ASN A 330 24.68 -23.75 -14.51
C ASN A 330 24.48 -24.61 -15.80
N PRO A 331 25.24 -25.73 -15.93
CA PRO A 331 25.17 -26.54 -17.17
C PRO A 331 23.79 -26.96 -17.70
N ASN A 332 22.86 -27.44 -16.85
CA ASN A 332 21.53 -27.86 -17.33
C ASN A 332 20.53 -26.70 -17.39
N GLY A 333 21.01 -25.46 -17.34
CA GLY A 333 20.18 -24.27 -17.31
C GLY A 333 19.59 -24.03 -15.94
N LYS A 334 18.64 -23.11 -15.83
CA LYS A 334 17.96 -22.81 -14.57
C LYS A 334 16.48 -22.61 -14.83
N VAL A 335 15.63 -22.90 -13.84
CA VAL A 335 14.19 -22.76 -14.00
C VAL A 335 13.58 -21.70 -13.06
N LEU A 336 12.73 -20.79 -13.58
CA LEU A 336 12.03 -19.78 -12.77
C LEU A 336 10.52 -20.10 -12.76
N LEU A 337 9.99 -20.44 -11.58
CA LEU A 337 8.58 -20.79 -11.44
C LEU A 337 7.77 -19.63 -10.83
N ILE A 338 7.03 -18.91 -11.68
CA ILE A 338 6.18 -17.79 -11.30
C ILE A 338 4.76 -18.35 -11.15
N GLY A 339 4.47 -18.87 -9.95
CA GLY A 339 3.18 -19.48 -9.70
C GLY A 339 2.29 -18.75 -8.71
N GLY A 340 1.27 -19.46 -8.27
CA GLY A 340 0.31 -18.94 -7.31
C GLY A 340 -1.07 -19.53 -7.51
N ALA A 341 -1.93 -19.29 -6.51
CA ALA A 341 -3.31 -19.73 -6.59
C ALA A 341 -4.16 -18.68 -7.41
N ILE A 342 -5.51 -18.85 -7.52
CA ILE A 342 -6.36 -17.85 -8.12
C ILE A 342 -6.53 -16.79 -7.03
N ALA A 343 -5.95 -15.59 -7.20
CA ALA A 343 -6.01 -14.51 -6.20
C ALA A 343 -7.43 -14.00 -5.94
N ASN A 344 -7.65 -13.48 -4.74
CA ASN A 344 -8.91 -12.87 -4.31
C ASN A 344 -8.88 -11.35 -4.61
N PHE A 345 -7.71 -10.69 -4.47
CA PHE A 345 -7.66 -9.25 -4.66
C PHE A 345 -6.37 -8.75 -5.26
N THR A 346 -5.27 -9.52 -5.19
CA THR A 346 -4.01 -9.12 -5.82
C THR A 346 -4.22 -8.93 -7.32
N ASP A 347 -3.94 -7.73 -7.82
CA ASP A 347 -4.12 -7.43 -9.24
C ASP A 347 -3.02 -8.13 -10.05
N VAL A 348 -3.39 -9.13 -10.87
CA VAL A 348 -2.42 -9.90 -11.67
C VAL A 348 -1.79 -9.04 -12.78
N ALA A 349 -2.55 -8.06 -13.32
CA ALA A 349 -2.03 -7.17 -14.36
C ALA A 349 -0.94 -6.23 -13.82
N LYS A 350 -1.18 -5.59 -12.65
CA LYS A 350 -0.21 -4.68 -12.03
C LYS A 350 1.01 -5.39 -11.48
N THR A 351 0.84 -6.56 -10.84
CA THR A 351 1.98 -7.32 -10.33
C THR A 351 2.81 -7.87 -11.49
N PHE A 352 2.16 -8.52 -12.48
CA PHE A 352 2.89 -9.06 -13.64
C PHE A 352 3.50 -7.97 -14.52
N LYS A 353 3.00 -6.72 -14.44
CA LYS A 353 3.64 -5.62 -15.16
C LYS A 353 5.03 -5.36 -14.55
N GLY A 354 5.17 -5.49 -13.23
CA GLY A 354 6.45 -5.33 -12.53
C GLY A 354 7.40 -6.47 -12.84
N VAL A 355 6.86 -7.71 -12.90
CA VAL A 355 7.60 -8.93 -13.24
C VAL A 355 8.14 -8.82 -14.69
N VAL A 356 7.29 -8.40 -15.64
CA VAL A 356 7.65 -8.23 -17.05
C VAL A 356 8.75 -7.16 -17.19
N MET A 357 8.64 -6.02 -16.48
CA MET A 357 9.64 -4.93 -16.49
C MET A 357 11.03 -5.41 -16.03
N ALA A 358 11.08 -6.28 -15.01
CA ALA A 358 12.33 -6.82 -14.50
C ALA A 358 12.92 -7.83 -15.49
N LEU A 359 12.07 -8.73 -16.05
CA LEU A 359 12.49 -9.72 -17.04
C LEU A 359 13.05 -9.04 -18.30
N GLU A 360 12.46 -7.90 -18.71
CA GLU A 360 12.91 -7.12 -19.85
C GLU A 360 14.32 -6.58 -19.61
N GLU A 361 14.59 -6.13 -18.37
CA GLU A 361 15.89 -5.58 -17.97
C GLU A 361 16.97 -6.65 -17.89
N TYR A 362 16.60 -7.87 -17.50
CA TYR A 362 17.54 -8.97 -17.39
C TYR A 362 17.63 -9.83 -18.65
N GLN A 363 17.10 -9.36 -19.79
CA GLN A 363 17.05 -10.05 -21.09
C GLN A 363 18.37 -10.74 -21.51
N GLN A 364 19.50 -10.01 -21.50
CA GLN A 364 20.78 -10.58 -21.92
C GLN A 364 21.27 -11.63 -20.92
N LYS A 365 21.16 -11.34 -19.61
CA LYS A 365 21.57 -12.24 -18.54
C LYS A 365 20.70 -13.51 -18.46
N LEU A 366 19.43 -13.44 -18.91
CA LEU A 366 18.48 -14.55 -18.94
C LEU A 366 18.84 -15.55 -20.05
N GLN A 367 19.21 -15.05 -21.24
CA GLN A 367 19.57 -15.89 -22.38
C GLN A 367 20.91 -16.59 -22.12
N GLU A 368 21.89 -15.84 -21.59
CA GLU A 368 23.23 -16.33 -21.27
C GLU A 368 23.24 -17.39 -20.16
N ALA A 369 22.26 -17.37 -19.25
CA ALA A 369 22.20 -18.35 -18.17
C ALA A 369 21.30 -19.56 -18.46
N ASP A 370 20.72 -19.64 -19.69
CA ASP A 370 19.84 -20.71 -20.17
C ASP A 370 18.63 -20.91 -19.25
N ILE A 371 18.03 -19.78 -18.84
CA ILE A 371 16.89 -19.77 -17.93
C ILE A 371 15.56 -19.96 -18.68
N GLU A 372 14.69 -20.84 -18.13
CA GLU A 372 13.38 -21.16 -18.65
C GLU A 372 12.32 -20.70 -17.63
N ILE A 373 11.36 -19.89 -18.07
CA ILE A 373 10.32 -19.34 -17.20
C ILE A 373 8.99 -20.10 -17.34
N TYR A 374 8.38 -20.49 -16.20
CA TYR A 374 7.11 -21.21 -16.16
C TYR A 374 6.13 -20.42 -15.29
N VAL A 375 4.96 -20.07 -15.84
CA VAL A 375 3.95 -19.25 -15.17
C VAL A 375 2.59 -19.94 -15.05
N ARG A 376 1.94 -19.85 -13.88
CA ARG A 376 0.57 -20.33 -13.65
C ARG A 376 -0.09 -19.35 -12.69
N ARG A 377 -1.12 -18.60 -13.17
CA ARG A 377 -1.77 -17.63 -12.31
C ARG A 377 -3.22 -17.37 -12.69
N GLY A 378 -4.02 -17.09 -11.66
CA GLY A 378 -5.41 -16.65 -11.74
C GLY A 378 -5.63 -15.45 -10.81
N GLY A 379 -6.79 -14.81 -10.91
CA GLY A 379 -7.11 -13.66 -10.05
C GLY A 379 -7.54 -12.41 -10.79
N PRO A 380 -7.76 -11.28 -10.07
CA PRO A 380 -8.19 -10.04 -10.75
C PRO A 380 -7.31 -9.62 -11.91
N ASN A 381 -7.93 -9.48 -13.11
CA ASN A 381 -7.29 -9.11 -14.38
C ASN A 381 -6.23 -10.10 -14.85
N TYR A 382 -6.38 -11.39 -14.52
CA TYR A 382 -5.37 -12.39 -14.89
C TYR A 382 -5.17 -12.50 -16.39
N GLU A 383 -6.25 -12.38 -17.21
CA GLU A 383 -6.15 -12.50 -18.67
C GLU A 383 -5.19 -11.45 -19.25
N GLN A 384 -5.28 -10.23 -18.72
CA GLN A 384 -4.41 -9.11 -19.09
C GLN A 384 -2.95 -9.38 -18.64
N GLY A 385 -2.78 -9.96 -17.46
CA GLY A 385 -1.46 -10.30 -16.95
C GLY A 385 -0.79 -11.44 -17.70
N LEU A 386 -1.55 -12.49 -18.05
CA LEU A 386 -1.02 -13.61 -18.82
C LEU A 386 -0.67 -13.16 -20.24
N LYS A 387 -1.43 -12.19 -20.80
CA LYS A 387 -1.21 -11.62 -22.13
C LYS A 387 0.16 -10.91 -22.17
N LEU A 388 0.52 -10.19 -21.08
CA LEU A 388 1.81 -9.50 -20.92
C LEU A 388 2.96 -10.50 -20.98
N MET A 389 2.82 -11.64 -20.27
CA MET A 389 3.82 -12.70 -20.20
C MET A 389 3.98 -13.41 -21.56
N ARG A 390 2.86 -13.63 -22.28
CA ARG A 390 2.87 -14.28 -23.59
C ARG A 390 3.51 -13.40 -24.64
N ASP A 391 3.22 -12.08 -24.60
CA ASP A 391 3.81 -11.10 -25.51
C ASP A 391 5.31 -10.95 -25.24
N LEU A 392 5.72 -11.06 -23.96
CA LEU A 392 7.12 -10.98 -23.53
C LEU A 392 7.92 -12.19 -24.05
N GLY A 393 7.37 -13.39 -23.92
CA GLY A 393 8.01 -14.63 -24.38
C GLY A 393 8.28 -14.67 -25.87
N LYS A 394 7.47 -13.93 -26.66
CA LYS A 394 7.63 -13.86 -28.11
C LYS A 394 8.73 -12.85 -28.53
N ARG A 395 9.27 -12.04 -27.60
CA ARG A 395 10.30 -11.06 -27.95
C ARG A 395 11.58 -11.14 -27.10
N LEU A 396 11.52 -11.75 -25.91
CA LEU A 396 12.65 -11.84 -24.98
C LEU A 396 13.76 -12.78 -25.43
N GLY A 397 13.40 -13.89 -26.06
CA GLY A 397 14.39 -14.86 -26.51
C GLY A 397 14.62 -16.02 -25.55
N VAL A 398 13.76 -16.12 -24.51
CA VAL A 398 13.81 -17.20 -23.51
C VAL A 398 12.44 -17.91 -23.45
N PRO A 399 12.41 -19.23 -23.19
CA PRO A 399 11.11 -19.93 -23.17
C PRO A 399 10.23 -19.53 -21.98
N ILE A 400 9.02 -19.03 -22.26
CA ILE A 400 8.08 -18.65 -21.21
C ILE A 400 6.75 -19.41 -21.42
N GLN A 401 6.55 -20.48 -20.63
CA GLN A 401 5.33 -21.31 -20.67
C GLN A 401 4.29 -20.65 -19.77
N VAL A 402 3.18 -20.14 -20.35
CA VAL A 402 2.14 -19.41 -19.61
C VAL A 402 0.84 -20.21 -19.43
N HIS A 403 0.37 -20.31 -18.18
CA HIS A 403 -0.83 -21.04 -17.79
C HIS A 403 -1.76 -20.19 -16.92
N GLY A 404 -3.04 -20.53 -16.95
CA GLY A 404 -4.08 -19.88 -16.17
C GLY A 404 -4.80 -20.82 -15.25
N PRO A 405 -6.02 -20.44 -14.80
CA PRO A 405 -6.76 -21.30 -13.85
C PRO A 405 -7.22 -22.65 -14.41
N GLU A 406 -7.11 -22.86 -15.73
CA GLU A 406 -7.47 -24.13 -16.38
C GLU A 406 -6.45 -25.24 -16.08
N THR A 407 -5.18 -24.84 -15.82
CA THR A 407 -4.08 -25.72 -15.44
C THR A 407 -4.09 -25.85 -13.92
N HIS A 408 -3.85 -27.07 -13.42
CA HIS A 408 -3.78 -27.36 -11.99
C HIS A 408 -2.62 -26.53 -11.38
N MET A 409 -2.84 -25.93 -10.20
CA MET A 409 -1.91 -25.00 -9.57
C MET A 409 -0.43 -25.36 -9.66
N THR A 410 -0.08 -26.56 -9.24
CA THR A 410 1.31 -26.98 -9.19
C THR A 410 1.75 -27.82 -10.38
N ARG A 411 0.99 -27.85 -11.48
CA ARG A 411 1.34 -28.61 -12.69
C ARG A 411 2.59 -28.07 -13.39
N ILE A 412 2.96 -26.79 -13.18
CA ILE A 412 4.18 -26.22 -13.78
C ILE A 412 5.47 -26.78 -13.13
N VAL A 413 5.37 -27.38 -11.94
CA VAL A 413 6.53 -27.97 -11.28
C VAL A 413 7.01 -29.26 -12.01
N PRO A 414 6.18 -30.31 -12.22
CA PRO A 414 6.68 -31.48 -12.99
C PRO A 414 6.98 -31.13 -14.45
N LEU A 415 6.24 -30.16 -15.03
CA LEU A 415 6.45 -29.69 -16.41
C LEU A 415 7.83 -29.07 -16.60
N ALA A 416 8.40 -28.48 -15.54
CA ALA A 416 9.71 -27.85 -15.56
C ALA A 416 10.85 -28.75 -15.09
N LEU A 417 10.58 -29.66 -14.13
CA LEU A 417 11.62 -30.52 -13.58
C LEU A 417 11.71 -31.91 -14.21
N GLU A 418 10.66 -32.35 -14.92
CA GLU A 418 10.67 -33.66 -15.57
C GLU A 418 10.60 -33.50 -17.10
N GLU A 419 9.61 -32.72 -17.58
CA GLU A 419 9.38 -32.46 -19.00
C GLU A 419 10.38 -31.45 -19.56
N LYS B 4 -30.14 -20.31 13.70
CA LYS B 4 -29.35 -21.51 14.03
C LYS B 4 -27.96 -21.11 14.49
N ASP B 5 -27.44 -21.76 15.54
CA ASP B 5 -26.10 -21.45 16.08
C ASP B 5 -24.98 -21.80 15.09
N TYR B 6 -25.20 -22.85 14.29
CA TYR B 6 -24.23 -23.31 13.29
C TYR B 6 -24.10 -22.40 12.07
N VAL B 7 -25.10 -21.52 11.81
CA VAL B 7 -25.01 -20.63 10.66
C VAL B 7 -24.21 -19.36 10.98
N LEU B 8 -23.18 -19.07 10.17
CA LEU B 8 -22.37 -17.87 10.34
C LEU B 8 -23.04 -16.73 9.57
N PHE B 9 -23.24 -16.93 8.26
CA PHE B 9 -23.90 -15.95 7.41
C PHE B 9 -24.99 -16.58 6.60
N ASP B 10 -26.02 -15.81 6.32
CA ASP B 10 -27.12 -16.22 5.47
C ASP B 10 -27.48 -15.09 4.48
N ILE B 11 -28.54 -15.27 3.70
CA ILE B 11 -28.97 -14.27 2.72
C ILE B 11 -29.58 -13.01 3.38
N ASN B 12 -29.82 -13.04 4.71
CA ASN B 12 -30.33 -11.89 5.45
C ASN B 12 -29.22 -11.14 6.25
N THR B 13 -27.96 -11.61 6.17
CA THR B 13 -26.84 -11.01 6.86
C THR B 13 -26.56 -9.59 6.39
N LYS B 14 -26.48 -8.65 7.33
CA LYS B 14 -26.15 -7.25 7.06
C LYS B 14 -24.80 -6.94 7.72
N ALA B 15 -23.97 -6.15 7.05
CA ALA B 15 -22.61 -5.92 7.51
C ALA B 15 -22.14 -4.49 7.42
N PHE B 16 -21.14 -4.14 8.22
CA PHE B 16 -20.46 -2.85 8.14
C PHE B 16 -19.09 -3.16 7.55
N VAL B 17 -18.56 -2.25 6.74
CA VAL B 17 -17.22 -2.37 6.23
C VAL B 17 -16.43 -1.29 6.95
N TYR B 18 -15.49 -1.68 7.81
CA TYR B 18 -14.64 -0.73 8.51
C TYR B 18 -13.43 -0.46 7.61
N GLY B 19 -13.31 0.80 7.19
CA GLY B 19 -12.24 1.24 6.29
C GLY B 19 -12.84 1.54 4.93
N TYR B 20 -12.42 2.65 4.31
CA TYR B 20 -12.91 3.05 3.00
C TYR B 20 -12.26 2.21 1.88
N GLN B 21 -12.68 0.95 1.73
CA GLN B 21 -12.14 0.03 0.72
C GLN B 21 -13.16 -0.12 -0.38
N THR B 22 -13.16 0.83 -1.32
CA THR B 22 -14.12 0.93 -2.41
C THR B 22 -14.16 -0.34 -3.30
N ASN B 23 -13.02 -0.99 -3.55
CA ASN B 23 -13.03 -2.22 -4.37
C ASN B 23 -13.71 -3.37 -3.65
N ALA B 24 -13.43 -3.53 -2.35
CA ALA B 24 -14.01 -4.57 -1.53
C ALA B 24 -15.51 -4.34 -1.40
N ILE B 25 -15.91 -3.07 -1.21
CA ILE B 25 -17.33 -2.69 -1.14
C ILE B 25 -18.05 -3.11 -2.44
N GLN B 26 -17.46 -2.78 -3.60
CA GLN B 26 -18.05 -3.14 -4.89
C GLN B 26 -18.12 -4.64 -5.09
N ARG B 27 -17.10 -5.39 -4.65
CA ARG B 27 -17.07 -6.85 -4.77
C ARG B 27 -18.20 -7.49 -3.98
N MET B 28 -18.46 -6.97 -2.77
CA MET B 28 -19.53 -7.49 -1.94
C MET B 28 -20.89 -7.26 -2.61
N LEU B 29 -21.11 -6.03 -3.11
CA LEU B 29 -22.36 -5.65 -3.77
C LEU B 29 -22.59 -6.45 -5.04
N ASP B 30 -21.52 -6.69 -5.82
CA ASP B 30 -21.61 -7.47 -7.05
C ASP B 30 -22.05 -8.89 -6.76
N PHE B 31 -21.54 -9.50 -5.66
CA PHE B 31 -21.91 -10.85 -5.23
C PHE B 31 -23.35 -10.86 -4.79
N ASP B 32 -23.79 -9.87 -4.00
CA ASP B 32 -25.19 -9.75 -3.56
C ASP B 32 -26.12 -9.69 -4.77
N TYR B 33 -25.74 -8.92 -5.79
CA TYR B 33 -26.50 -8.77 -7.02
C TYR B 33 -26.62 -10.12 -7.80
N VAL B 34 -25.49 -10.82 -8.03
CA VAL B 34 -25.51 -12.09 -8.77
C VAL B 34 -26.19 -13.21 -7.96
N CYS B 35 -26.22 -13.10 -6.63
CA CYS B 35 -26.91 -14.06 -5.75
C CYS B 35 -28.42 -13.77 -5.63
N LYS B 36 -28.93 -12.75 -6.35
CA LYS B 36 -30.33 -12.33 -6.37
C LYS B 36 -30.81 -11.84 -5.00
N ARG B 37 -29.92 -11.20 -4.21
CA ARG B 37 -30.33 -10.62 -2.93
C ARG B 37 -31.29 -9.44 -3.18
N SER B 38 -32.24 -9.20 -2.28
CA SER B 38 -33.19 -8.09 -2.46
C SER B 38 -32.55 -6.76 -2.15
N SER B 39 -31.67 -6.73 -1.15
CA SER B 39 -30.99 -5.53 -0.73
C SER B 39 -29.49 -5.84 -0.49
N PRO B 40 -28.64 -4.80 -0.53
CA PRO B 40 -27.20 -5.03 -0.32
C PRO B 40 -26.88 -5.63 1.03
N SER B 41 -25.78 -6.41 1.12
CA SER B 41 -25.29 -7.00 2.36
C SER B 41 -24.55 -5.99 3.25
N ILE B 42 -24.38 -4.73 2.81
CA ILE B 42 -23.68 -3.67 3.53
C ILE B 42 -24.67 -2.61 3.97
N SER B 43 -24.78 -2.40 5.28
CA SER B 43 -25.67 -1.38 5.85
C SER B 43 -24.98 -0.02 5.85
N ALA B 44 -23.69 0.02 6.22
CA ALA B 44 -22.93 1.28 6.27
C ALA B 44 -21.43 1.04 6.19
N ILE B 45 -20.67 2.09 5.86
CA ILE B 45 -19.22 2.06 5.82
C ILE B 45 -18.75 2.85 7.04
N ILE B 46 -17.72 2.36 7.73
CA ILE B 46 -17.14 3.11 8.84
C ILE B 46 -15.84 3.70 8.33
N ASN B 47 -15.82 5.02 8.13
CA ASN B 47 -14.66 5.75 7.65
C ASN B 47 -14.21 6.70 8.76
N PRO B 48 -13.14 6.35 9.48
CA PRO B 48 -12.70 7.19 10.61
C PRO B 48 -12.30 8.62 10.24
N SER B 49 -11.95 8.83 8.97
CA SER B 49 -11.54 10.15 8.50
C SER B 49 -12.73 11.03 8.10
N ARG B 50 -13.86 10.45 7.70
CA ARG B 50 -14.97 11.25 7.18
C ARG B 50 -16.32 10.57 7.29
N ALA B 51 -17.34 11.33 7.65
CA ALA B 51 -18.71 10.87 7.59
C ALA B 51 -19.27 11.44 6.28
N GLY B 52 -20.22 10.75 5.66
CA GLY B 52 -20.82 11.24 4.43
C GLY B 52 -21.49 10.15 3.65
N ILE B 53 -21.30 10.17 2.33
CA ILE B 53 -21.92 9.17 1.45
C ILE B 53 -20.90 8.53 0.52
N HIS B 54 -21.21 7.31 0.07
CA HIS B 54 -20.37 6.62 -0.88
C HIS B 54 -21.30 6.10 -1.99
N LYS B 55 -20.96 6.41 -3.25
CA LYS B 55 -21.77 5.96 -4.37
C LYS B 55 -21.12 4.70 -4.98
N ALA B 56 -21.92 3.64 -5.21
CA ALA B 56 -21.43 2.38 -5.77
C ALA B 56 -22.53 1.77 -6.66
N PHE B 57 -22.24 0.67 -7.39
CA PHE B 57 -23.22 0.02 -8.26
C PHE B 57 -23.97 -1.13 -7.60
N TRP B 58 -25.22 -1.30 -8.05
CA TRP B 58 -26.12 -2.41 -7.78
C TRP B 58 -26.47 -2.87 -9.18
N GLY B 59 -25.62 -3.72 -9.76
CA GLY B 59 -25.77 -4.16 -11.14
C GLY B 59 -25.29 -3.03 -12.03
N THR B 60 -26.21 -2.39 -12.77
CA THR B 60 -25.90 -1.20 -13.57
C THR B 60 -26.44 0.09 -12.93
N LYS B 61 -27.18 -0.01 -11.80
CA LYS B 61 -27.79 1.12 -11.13
C LYS B 61 -26.91 1.62 -10.01
N GLU B 62 -26.79 2.96 -9.87
CA GLU B 62 -25.99 3.50 -8.79
C GLU B 62 -26.81 3.70 -7.52
N ILE B 63 -26.25 3.31 -6.38
CA ILE B 63 -26.87 3.46 -5.09
C ILE B 63 -25.95 4.25 -4.12
N ILE B 64 -26.52 4.74 -3.01
CA ILE B 64 -25.78 5.48 -2.01
C ILE B 64 -25.67 4.64 -0.71
N LEU B 65 -24.47 4.52 -0.18
CA LEU B 65 -24.25 3.86 1.11
C LEU B 65 -23.84 4.94 2.11
N PRO B 66 -24.46 4.94 3.30
CA PRO B 66 -24.07 5.94 4.32
C PRO B 66 -22.68 5.65 4.90
N MET B 67 -21.94 6.69 5.30
CA MET B 67 -20.60 6.55 5.85
C MET B 67 -20.57 7.23 7.21
N TYR B 68 -20.16 6.49 8.26
CA TYR B 68 -20.06 6.97 9.64
C TYR B 68 -18.63 7.02 10.12
N LYS B 69 -18.31 7.97 11.02
CA LYS B 69 -16.95 8.09 11.54
C LYS B 69 -16.59 7.01 12.55
N THR B 70 -17.54 6.55 13.38
CA THR B 70 -17.24 5.56 14.43
C THR B 70 -18.12 4.30 14.37
N ILE B 71 -17.67 3.21 15.02
CA ILE B 71 -18.40 1.94 15.13
C ILE B 71 -19.70 2.12 15.96
N PRO B 72 -19.68 2.75 17.16
CA PRO B 72 -20.94 2.94 17.90
C PRO B 72 -22.00 3.76 17.15
N LEU B 73 -21.60 4.77 16.35
CA LEU B 73 -22.57 5.59 15.62
C LEU B 73 -23.24 4.77 14.52
N ALA B 74 -22.46 3.94 13.80
CA ALA B 74 -22.98 3.07 12.76
C ALA B 74 -23.89 1.98 13.34
N ALA B 75 -23.46 1.34 14.44
CA ALA B 75 -24.24 0.29 15.09
C ALA B 75 -25.59 0.80 15.57
N LEU B 76 -25.62 2.03 16.13
CA LEU B 76 -26.87 2.64 16.61
C LEU B 76 -27.81 2.96 15.44
N ALA B 77 -27.26 3.34 14.28
CA ALA B 77 -28.05 3.65 13.10
C ALA B 77 -28.56 2.37 12.41
N TYR B 78 -27.73 1.33 12.36
CA TYR B 78 -28.10 0.05 11.73
C TYR B 78 -27.93 -1.13 12.69
N PRO B 79 -28.85 -1.29 13.66
CA PRO B 79 -28.72 -2.40 14.63
C PRO B 79 -28.88 -3.79 14.03
N GLU B 80 -29.46 -3.89 12.82
CA GLU B 80 -29.64 -5.16 12.12
C GLU B 80 -28.29 -5.74 11.61
N ALA B 81 -27.25 -4.90 11.45
CA ALA B 81 -25.96 -5.36 10.99
C ALA B 81 -25.21 -6.04 12.12
N ASP B 82 -24.93 -7.34 11.97
CA ASP B 82 -24.23 -8.13 12.99
C ASP B 82 -22.82 -8.59 12.58
N VAL B 83 -22.34 -8.16 11.41
CA VAL B 83 -21.02 -8.53 10.91
C VAL B 83 -20.22 -7.26 10.66
N MET B 84 -18.91 -7.29 10.97
CA MET B 84 -18.03 -6.18 10.63
C MET B 84 -16.84 -6.71 9.88
N VAL B 85 -16.66 -6.23 8.64
CA VAL B 85 -15.51 -6.58 7.82
C VAL B 85 -14.47 -5.49 8.11
N ASN B 86 -13.46 -5.84 8.90
CA ASN B 86 -12.46 -4.91 9.39
C ASN B 86 -11.19 -4.82 8.53
N PHE B 87 -11.06 -3.71 7.81
CA PHE B 87 -9.90 -3.44 6.98
C PHE B 87 -8.89 -2.51 7.67
N ALA B 88 -8.98 -2.34 9.01
CA ALA B 88 -8.02 -1.50 9.73
C ALA B 88 -6.61 -2.12 9.61
N SER B 89 -5.58 -1.26 9.63
CA SER B 89 -4.19 -1.70 9.58
C SER B 89 -3.85 -2.53 10.84
N HIS B 90 -2.67 -3.20 10.86
CA HIS B 90 -2.26 -3.98 12.04
C HIS B 90 -2.08 -3.07 13.27
N ARG B 91 -1.90 -1.75 13.07
CA ARG B 91 -1.76 -0.76 14.13
C ARG B 91 -3.06 -0.46 14.84
N SER B 92 -4.21 -0.68 14.19
CA SER B 92 -5.49 -0.41 14.81
C SER B 92 -6.48 -1.57 14.79
N ALA B 93 -6.10 -2.73 14.21
CA ALA B 93 -6.97 -3.90 14.11
C ALA B 93 -7.51 -4.39 15.45
N PHE B 94 -6.66 -4.41 16.50
CA PHE B 94 -7.09 -4.85 17.84
C PHE B 94 -8.14 -3.95 18.45
N GLU B 95 -7.85 -2.63 18.60
CA GLU B 95 -8.80 -1.73 19.23
C GLU B 95 -10.13 -1.61 18.48
N THR B 96 -10.12 -1.66 17.14
CA THR B 96 -11.35 -1.61 16.35
C THR B 96 -12.15 -2.91 16.47
N THR B 97 -11.49 -4.08 16.48
CA THR B 97 -12.18 -5.36 16.65
C THR B 97 -12.77 -5.45 18.05
N MET B 98 -12.01 -5.03 19.07
CA MET B 98 -12.47 -5.04 20.45
C MET B 98 -13.65 -4.09 20.63
N GLU B 99 -13.64 -2.92 19.95
CA GLU B 99 -14.76 -1.98 20.02
C GLU B 99 -16.02 -2.59 19.40
N ALA B 100 -15.86 -3.26 18.24
CA ALA B 100 -16.97 -3.93 17.56
C ALA B 100 -17.53 -5.08 18.42
N LEU B 101 -16.64 -5.86 19.07
CA LEU B 101 -17.03 -6.99 19.94
C LEU B 101 -17.81 -6.50 21.18
N LYS B 102 -17.52 -5.29 21.66
CA LYS B 102 -18.23 -4.69 22.80
C LYS B 102 -19.66 -4.20 22.43
N GLU B 103 -19.95 -4.04 21.11
CA GLU B 103 -21.27 -3.65 20.63
C GLU B 103 -22.18 -4.88 20.73
N ASP B 104 -23.32 -4.74 21.42
CA ASP B 104 -24.26 -5.85 21.61
C ASP B 104 -24.82 -6.42 20.31
N THR B 105 -24.94 -5.58 19.29
CA THR B 105 -25.52 -5.98 18.02
C THR B 105 -24.51 -6.65 17.05
N ILE B 106 -23.18 -6.50 17.24
CA ILE B 106 -22.19 -7.16 16.37
C ILE B 106 -21.82 -8.54 16.93
N ARG B 107 -21.90 -9.59 16.10
CA ARG B 107 -21.64 -10.98 16.46
C ARG B 107 -20.37 -11.54 15.80
N ILE B 108 -20.07 -11.12 14.56
CA ILE B 108 -18.90 -11.60 13.82
C ILE B 108 -18.00 -10.44 13.38
N VAL B 109 -16.67 -10.60 13.54
CA VAL B 109 -15.71 -9.62 13.07
C VAL B 109 -14.65 -10.38 12.25
N ALA B 110 -14.42 -9.93 11.02
CA ALA B 110 -13.40 -10.51 10.16
C ALA B 110 -12.23 -9.53 10.16
N VAL B 111 -11.05 -9.97 10.63
CA VAL B 111 -9.84 -9.15 10.71
C VAL B 111 -8.92 -9.47 9.56
N ILE B 112 -8.74 -8.53 8.64
CA ILE B 112 -7.94 -8.74 7.43
C ILE B 112 -6.42 -8.52 7.68
N ALA B 113 -6.08 -7.55 8.54
CA ALA B 113 -4.69 -7.14 8.80
C ALA B 113 -3.69 -8.26 9.08
N GLU B 114 -2.53 -8.14 8.45
CA GLU B 114 -1.37 -9.00 8.65
C GLU B 114 -0.42 -8.21 9.57
N GLY B 115 0.25 -8.91 10.46
CA GLY B 115 1.20 -8.30 11.38
C GLY B 115 0.63 -7.90 12.72
N VAL B 116 -0.48 -8.53 13.13
CA VAL B 116 -1.11 -8.28 14.42
C VAL B 116 -0.38 -9.11 15.50
N PRO B 117 0.05 -8.49 16.62
CA PRO B 117 0.74 -9.26 17.67
C PRO B 117 -0.01 -10.49 18.13
N GLU B 118 0.73 -11.55 18.50
CA GLU B 118 0.15 -12.81 18.95
C GLU B 118 -0.68 -12.60 20.22
N ARG B 119 -0.23 -11.71 21.12
CA ARG B 119 -0.94 -11.40 22.36
C ARG B 119 -2.29 -10.76 22.09
N GLN B 120 -2.35 -9.83 21.15
CA GLN B 120 -3.58 -9.15 20.77
C GLN B 120 -4.59 -10.14 20.21
N SER B 121 -4.14 -11.07 19.34
CA SER B 121 -4.98 -12.11 18.76
C SER B 121 -5.50 -13.06 19.85
N ARG B 122 -4.66 -13.39 20.86
CA ARG B 122 -5.05 -14.24 21.98
C ARG B 122 -6.20 -13.56 22.76
N VAL B 123 -6.08 -12.25 23.00
CA VAL B 123 -7.10 -11.48 23.72
C VAL B 123 -8.39 -11.34 22.92
N MET B 124 -8.29 -11.21 21.58
CA MET B 124 -9.47 -11.12 20.71
C MET B 124 -10.21 -12.44 20.68
N ALA B 125 -9.47 -13.57 20.58
CA ALA B 125 -10.03 -14.92 20.56
C ALA B 125 -10.74 -15.22 21.88
N ALA B 126 -10.12 -14.88 23.03
CA ALA B 126 -10.74 -15.13 24.32
C ALA B 126 -11.96 -14.24 24.54
N THR B 127 -11.92 -12.98 24.06
CA THR B 127 -13.04 -12.06 24.17
C THR B 127 -14.22 -12.58 23.33
N ALA B 128 -13.93 -13.09 22.12
CA ALA B 128 -14.93 -13.66 21.24
C ALA B 128 -15.59 -14.89 21.87
N ARG B 129 -14.79 -15.81 22.43
CA ARG B 129 -15.31 -17.02 23.08
C ARG B 129 -16.16 -16.71 24.31
N LYS B 130 -15.75 -15.70 25.10
CA LYS B 130 -16.48 -15.30 26.31
C LYS B 130 -17.85 -14.70 25.98
N LEU B 131 -17.94 -13.93 24.90
CA LEU B 131 -19.18 -13.26 24.49
C LEU B 131 -20.01 -14.04 23.48
N ASP B 132 -19.63 -15.30 23.14
CA ASP B 132 -20.29 -16.17 22.15
C ASP B 132 -20.33 -15.51 20.77
N LYS B 133 -19.24 -14.86 20.41
CA LYS B 133 -19.05 -14.16 19.14
C LYS B 133 -17.99 -14.87 18.29
N ILE B 134 -17.78 -14.44 17.02
CA ILE B 134 -16.79 -15.09 16.16
C ILE B 134 -15.78 -14.11 15.58
N VAL B 135 -14.49 -14.44 15.65
CA VAL B 135 -13.45 -13.64 15.03
C VAL B 135 -12.79 -14.47 13.93
N ILE B 136 -12.93 -14.05 12.67
CA ILE B 136 -12.28 -14.73 11.57
C ILE B 136 -11.05 -13.90 11.24
N GLY B 137 -9.87 -14.48 11.42
CA GLY B 137 -8.61 -13.77 11.25
C GLY B 137 -7.83 -13.69 12.55
N PRO B 138 -6.79 -12.83 12.65
CA PRO B 138 -6.27 -11.88 11.65
C PRO B 138 -5.57 -12.56 10.45
N ALA B 139 -5.07 -11.76 9.51
CA ALA B 139 -4.33 -12.22 8.33
C ALA B 139 -5.14 -13.17 7.44
N THR B 140 -6.39 -12.80 7.13
CA THR B 140 -7.26 -13.60 6.27
C THR B 140 -8.03 -12.73 5.26
N VAL B 141 -8.50 -13.34 4.15
CA VAL B 141 -9.42 -12.67 3.20
C VAL B 141 -10.85 -12.70 3.79
N GLY B 142 -11.14 -13.75 4.58
CA GLY B 142 -12.40 -13.94 5.28
C GLY B 142 -12.96 -15.30 5.02
N GLY B 143 -13.95 -15.34 4.15
CA GLY B 143 -14.69 -16.53 3.79
C GLY B 143 -16.01 -16.15 3.15
N MET B 144 -16.84 -17.15 2.85
CA MET B 144 -18.13 -16.89 2.25
C MET B 144 -19.09 -18.07 2.36
N THR B 145 -20.39 -17.74 2.34
CA THR B 145 -21.45 -18.72 2.30
C THR B 145 -21.94 -18.62 0.88
N ALA B 146 -21.78 -19.69 0.10
CA ALA B 146 -22.18 -19.70 -1.30
C ALA B 146 -23.65 -19.33 -1.50
N GLY B 147 -23.88 -18.33 -2.34
CA GLY B 147 -25.23 -17.84 -2.63
C GLY B 147 -25.82 -16.92 -1.58
N ALA B 148 -25.07 -16.60 -0.51
CA ALA B 148 -25.63 -15.81 0.59
C ALA B 148 -24.84 -14.55 1.00
N PHE B 149 -23.53 -14.65 1.24
CA PHE B 149 -22.73 -13.53 1.71
C PHE B 149 -21.24 -13.79 1.46
N ARG B 150 -20.47 -12.72 1.20
CA ARG B 150 -19.03 -12.81 1.04
C ARG B 150 -18.37 -11.76 1.94
N ILE B 151 -17.22 -12.13 2.53
CA ILE B 151 -16.46 -11.18 3.35
C ILE B 151 -15.49 -10.47 2.43
N GLY B 152 -15.68 -9.16 2.26
CA GLY B 152 -14.84 -8.30 1.44
C GLY B 152 -14.45 -8.86 0.09
N ASN B 153 -13.16 -9.13 -0.09
CA ASN B 153 -12.58 -9.62 -1.33
C ASN B 153 -12.60 -11.12 -1.52
N THR B 154 -13.16 -11.88 -0.57
CA THR B 154 -13.18 -13.34 -0.69
C THR B 154 -13.79 -13.83 -2.00
N ALA B 155 -13.04 -14.66 -2.74
CA ALA B 155 -13.37 -15.31 -4.03
C ALA B 155 -13.23 -14.41 -5.26
N GLY B 156 -12.50 -13.30 -5.12
CA GLY B 156 -12.14 -12.40 -6.20
C GLY B 156 -13.17 -11.85 -7.17
N THR B 157 -12.89 -12.00 -8.46
CA THR B 157 -13.73 -11.46 -9.53
C THR B 157 -15.06 -12.20 -9.69
N ILE B 158 -16.09 -11.49 -10.22
CA ILE B 158 -17.39 -12.10 -10.48
C ILE B 158 -17.24 -13.25 -11.50
N GLU B 159 -16.27 -13.15 -12.42
CA GLU B 159 -15.93 -14.17 -13.40
C GLU B 159 -15.52 -15.48 -12.69
N ASN B 160 -14.68 -15.36 -11.64
CA ASN B 160 -14.23 -16.45 -10.81
C ASN B 160 -15.41 -17.02 -10.02
N ILE B 161 -16.28 -16.14 -9.48
CA ILE B 161 -17.47 -16.57 -8.75
C ILE B 161 -18.38 -17.43 -9.65
N ILE B 162 -18.55 -17.02 -10.91
CA ILE B 162 -19.37 -17.74 -11.87
C ILE B 162 -18.70 -19.06 -12.30
N ALA B 163 -17.40 -19.02 -12.64
CA ALA B 163 -16.65 -20.21 -13.04
C ALA B 163 -16.63 -21.27 -11.95
N SER B 164 -16.55 -20.85 -10.68
CA SER B 164 -16.56 -21.77 -9.55
C SER B 164 -17.95 -22.03 -8.97
N LYS B 165 -19.03 -21.54 -9.62
CA LYS B 165 -20.43 -21.74 -9.22
C LYS B 165 -20.70 -21.37 -7.74
N LEU B 166 -20.09 -20.26 -7.28
CA LEU B 166 -20.23 -19.79 -5.89
C LEU B 166 -21.51 -18.97 -5.61
N TYR B 167 -22.37 -18.78 -6.62
CA TYR B 167 -23.67 -18.09 -6.50
C TYR B 167 -24.79 -19.04 -6.00
N ARG B 168 -24.49 -20.36 -5.83
CA ARG B 168 -25.38 -21.40 -5.32
C ARG B 168 -24.62 -22.32 -4.38
N PRO B 169 -25.22 -22.72 -3.25
CA PRO B 169 -24.52 -23.62 -2.33
C PRO B 169 -24.45 -25.08 -2.80
N GLY B 170 -23.40 -25.75 -2.35
CA GLY B 170 -23.16 -27.18 -2.53
C GLY B 170 -23.29 -27.89 -1.20
N CYS B 171 -22.62 -29.05 -1.04
CA CYS B 171 -22.67 -29.85 0.18
C CYS B 171 -21.36 -29.88 0.98
N VAL B 172 -20.34 -29.14 0.54
CA VAL B 172 -19.03 -29.17 1.17
C VAL B 172 -18.78 -28.03 2.16
N GLY B 173 -18.40 -28.38 3.37
CA GLY B 173 -18.02 -27.40 4.38
C GLY B 173 -16.51 -27.33 4.36
N PHE B 174 -15.96 -26.19 3.92
CA PHE B 174 -14.52 -25.99 3.77
C PHE B 174 -13.88 -25.01 4.76
N VAL B 175 -12.66 -25.32 5.20
CA VAL B 175 -11.89 -24.45 6.09
C VAL B 175 -10.39 -24.58 5.79
N SER B 176 -9.70 -23.44 5.71
CA SER B 176 -8.26 -23.44 5.49
C SER B 176 -7.58 -22.41 6.40
N LYS B 177 -6.24 -22.33 6.33
CA LYS B 177 -5.49 -21.31 7.03
C LYS B 177 -5.25 -20.17 6.02
N SER B 178 -4.79 -20.52 4.83
CA SER B 178 -4.46 -19.66 3.71
C SER B 178 -5.68 -19.03 3.00
N GLY B 179 -5.57 -17.73 2.73
CA GLY B 179 -6.59 -16.97 2.01
C GLY B 179 -6.60 -17.25 0.52
N GLY B 180 -5.42 -17.23 -0.10
CA GLY B 180 -5.28 -17.53 -1.53
C GLY B 180 -5.65 -18.97 -1.85
N MET B 181 -5.26 -19.89 -0.96
CA MET B 181 -5.61 -21.30 -1.13
C MET B 181 -7.08 -21.58 -0.92
N LEU B 182 -7.79 -20.73 -0.16
CA LEU B 182 -9.24 -20.85 0.01
C LEU B 182 -9.92 -20.62 -1.36
N ASN B 183 -9.41 -19.68 -2.17
CA ASN B 183 -9.96 -19.42 -3.49
C ASN B 183 -9.63 -20.54 -4.47
N GLU B 184 -8.40 -21.06 -4.41
CA GLU B 184 -7.98 -22.20 -5.24
C GLU B 184 -8.84 -23.41 -4.89
N ALA B 185 -9.10 -23.63 -3.58
CA ALA B 185 -9.90 -24.74 -3.10
C ALA B 185 -11.33 -24.65 -3.58
N PHE B 186 -11.91 -23.45 -3.64
CA PHE B 186 -13.27 -23.24 -4.17
C PHE B 186 -13.37 -23.77 -5.61
N ASN B 187 -12.32 -23.54 -6.41
CA ASN B 187 -12.22 -24.03 -7.78
C ASN B 187 -12.06 -25.58 -7.82
N ILE B 188 -11.16 -26.15 -6.98
CA ILE B 188 -10.91 -27.57 -6.90
C ILE B 188 -12.21 -28.32 -6.52
N ILE B 189 -12.87 -27.87 -5.45
CA ILE B 189 -14.09 -28.47 -4.92
C ILE B 189 -15.28 -28.39 -5.90
N SER B 190 -15.44 -27.26 -6.61
CA SER B 190 -16.51 -27.08 -7.59
C SER B 190 -16.39 -28.05 -8.77
N ARG B 191 -15.15 -28.41 -9.12
CA ARG B 191 -14.88 -29.32 -10.24
C ARG B 191 -14.99 -30.79 -9.87
N ASN B 192 -14.93 -31.12 -8.56
CA ASN B 192 -14.93 -32.47 -8.07
C ASN B 192 -16.10 -32.82 -7.14
N SER B 193 -17.10 -31.93 -7.01
CA SER B 193 -18.30 -32.17 -6.20
C SER B 193 -19.40 -31.17 -6.63
N ASP B 194 -20.47 -30.99 -5.82
CA ASP B 194 -21.47 -29.96 -6.13
C ASP B 194 -21.04 -28.54 -5.61
N GLY B 195 -19.78 -28.41 -5.18
CA GLY B 195 -19.21 -27.18 -4.68
C GLY B 195 -19.37 -26.98 -3.18
N ILE B 196 -18.76 -25.92 -2.66
CA ILE B 196 -18.86 -25.59 -1.24
C ILE B 196 -20.23 -25.03 -0.89
N TYR B 197 -20.65 -25.30 0.32
CA TYR B 197 -21.81 -24.69 0.93
C TYR B 197 -21.27 -23.38 1.57
N GLU B 198 -20.16 -23.50 2.32
CA GLU B 198 -19.48 -22.43 3.03
C GLU B 198 -17.97 -22.74 3.04
N GLY B 199 -17.17 -21.69 3.04
CA GLY B 199 -15.73 -21.79 3.08
C GLY B 199 -15.18 -20.68 3.95
N VAL B 200 -14.22 -21.00 4.83
CA VAL B 200 -13.63 -20.00 5.73
C VAL B 200 -12.11 -20.15 5.74
N ALA B 201 -11.37 -19.03 5.73
CA ALA B 201 -9.93 -19.06 5.89
C ALA B 201 -9.66 -18.43 7.27
N ILE B 202 -9.08 -19.19 8.22
CA ILE B 202 -8.84 -18.68 9.56
C ILE B 202 -7.60 -17.78 9.68
N GLY B 203 -6.80 -17.67 8.61
CA GLY B 203 -5.55 -16.92 8.61
C GLY B 203 -4.38 -17.83 8.95
N GLY B 204 -3.15 -17.32 8.78
CA GLY B 204 -1.96 -18.11 9.03
C GLY B 204 -1.20 -17.76 10.30
N ASP B 205 -1.79 -16.93 11.17
CA ASP B 205 -1.13 -16.56 12.44
C ASP B 205 -1.18 -17.76 13.41
N ARG B 206 -0.16 -17.94 14.29
CA ARG B 206 -0.19 -19.14 15.15
C ARG B 206 -1.23 -19.06 16.27
N TYR B 207 -1.79 -17.87 16.57
CA TYR B 207 -2.90 -17.74 17.53
C TYR B 207 -4.07 -17.06 16.82
N PRO B 208 -4.96 -17.82 16.15
CA PRO B 208 -6.05 -17.17 15.41
C PRO B 208 -7.24 -16.79 16.30
N GLY B 209 -8.13 -15.95 15.77
CA GLY B 209 -9.35 -15.54 16.45
C GLY B 209 -10.30 -16.71 16.62
N SER B 210 -10.29 -17.61 15.63
CA SER B 210 -11.06 -18.84 15.62
C SER B 210 -10.21 -19.95 15.01
N ASN B 211 -10.24 -21.13 15.61
CA ASN B 211 -9.49 -22.29 15.13
C ASN B 211 -10.31 -23.01 14.06
N MET B 212 -9.65 -23.87 13.26
CA MET B 212 -10.36 -24.61 12.20
C MET B 212 -11.52 -25.46 12.75
N LEU B 213 -11.31 -26.09 13.92
CA LEU B 213 -12.34 -26.92 14.56
C LEU B 213 -13.63 -26.16 14.87
N ASP B 214 -13.55 -24.86 15.26
CA ASP B 214 -14.75 -24.05 15.53
C ASP B 214 -15.71 -24.09 14.33
N HIS B 215 -15.16 -23.86 13.13
CA HIS B 215 -15.92 -23.90 11.90
C HIS B 215 -16.32 -25.33 11.51
N ILE B 216 -15.41 -26.31 11.67
CA ILE B 216 -15.70 -27.73 11.37
C ILE B 216 -16.87 -28.26 12.22
N LEU B 217 -16.98 -27.82 13.49
CA LEU B 217 -18.06 -28.22 14.38
C LEU B 217 -19.41 -27.64 13.94
N ARG B 218 -19.40 -26.44 13.35
CA ARG B 218 -20.61 -25.82 12.83
C ARG B 218 -21.07 -26.61 11.59
N TYR B 219 -20.13 -27.02 10.71
CA TYR B 219 -20.43 -27.81 9.52
C TYR B 219 -21.04 -29.18 9.90
N GLU B 220 -20.61 -29.74 11.03
CA GLU B 220 -21.09 -31.02 11.54
C GLU B 220 -22.56 -30.96 12.00
N ARG B 221 -22.99 -29.78 12.49
CA ARG B 221 -24.36 -29.58 12.95
C ARG B 221 -25.29 -29.20 11.80
N ASN B 222 -24.77 -28.50 10.77
CA ASN B 222 -25.53 -28.06 9.60
C ASN B 222 -26.01 -29.24 8.74
N PRO B 223 -27.35 -29.42 8.61
CA PRO B 223 -27.85 -30.53 7.80
C PRO B 223 -27.60 -30.40 6.29
N ALA B 224 -27.42 -29.17 5.80
CA ALA B 224 -27.16 -28.90 4.38
C ALA B 224 -25.78 -29.41 3.93
N ILE B 225 -24.81 -29.49 4.87
CA ILE B 225 -23.46 -29.98 4.64
C ILE B 225 -23.40 -31.49 4.91
N LYS B 226 -22.94 -32.26 3.90
CA LYS B 226 -22.78 -33.72 4.00
C LYS B 226 -21.29 -34.14 3.92
N MET B 227 -20.39 -33.20 3.68
CA MET B 227 -18.98 -33.45 3.46
C MET B 227 -18.15 -32.32 4.07
N ILE B 228 -17.08 -32.65 4.81
CA ILE B 228 -16.18 -31.63 5.36
C ILE B 228 -14.79 -31.74 4.69
N ALA B 229 -14.18 -30.61 4.33
CA ALA B 229 -12.86 -30.60 3.70
C ALA B 229 -12.01 -29.53 4.35
N CYS B 230 -10.73 -29.82 4.62
CA CYS B 230 -9.87 -28.81 5.22
C CYS B 230 -8.43 -28.90 4.72
N LEU B 231 -7.77 -27.75 4.68
CA LEU B 231 -6.39 -27.64 4.24
C LEU B 231 -5.62 -26.87 5.30
N GLY B 232 -4.75 -27.56 6.02
CA GLY B 232 -3.93 -26.96 7.06
C GLY B 232 -2.49 -26.81 6.62
N GLU B 233 -1.60 -26.55 7.59
CA GLU B 233 -0.16 -26.37 7.34
C GLU B 233 0.67 -26.64 8.60
N LEU B 234 1.98 -26.82 8.44
CA LEU B 234 2.91 -27.05 9.55
C LEU B 234 2.97 -25.86 10.54
N GLY B 235 3.42 -26.14 11.76
CA GLY B 235 3.51 -25.14 12.83
C GLY B 235 2.20 -25.06 13.59
N GLY B 236 2.31 -24.96 14.91
CA GLY B 236 1.16 -24.90 15.80
C GLY B 236 0.47 -26.24 15.94
N GLU B 237 -0.54 -26.31 16.82
CA GLU B 237 -1.25 -27.57 17.07
C GLU B 237 -2.74 -27.53 16.78
N ASP B 238 -3.16 -26.60 15.92
CA ASP B 238 -4.56 -26.42 15.56
C ASP B 238 -5.21 -27.71 15.04
N GLU B 239 -4.55 -28.38 14.07
CA GLU B 239 -5.04 -29.60 13.43
C GLU B 239 -5.25 -30.76 14.40
N TYR B 240 -4.51 -30.76 15.54
CA TYR B 240 -4.69 -31.76 16.59
C TYR B 240 -6.03 -31.63 17.31
N MET B 241 -6.68 -30.46 17.25
CA MET B 241 -8.02 -30.30 17.81
C MET B 241 -9.02 -31.08 16.95
N ILE B 242 -8.83 -31.07 15.61
CA ILE B 242 -9.67 -31.78 14.64
C ILE B 242 -9.50 -33.29 14.79
N ILE B 243 -8.25 -33.78 14.84
CA ILE B 243 -7.90 -35.19 14.99
C ILE B 243 -8.48 -35.76 16.30
N GLN B 244 -8.47 -34.95 17.38
CA GLN B 244 -9.02 -35.36 18.68
C GLN B 244 -10.54 -35.43 18.61
N ALA B 245 -11.17 -34.49 17.90
CA ALA B 245 -12.62 -34.49 17.71
C ALA B 245 -13.06 -35.66 16.81
N LEU B 246 -12.22 -36.03 15.83
CA LEU B 246 -12.41 -37.15 14.90
C LEU B 246 -12.32 -38.48 15.70
N LYS B 247 -11.38 -38.55 16.66
CA LYS B 247 -11.19 -39.71 17.52
C LYS B 247 -12.32 -39.85 18.55
N GLU B 248 -12.84 -38.71 19.06
CA GLU B 248 -13.92 -38.70 20.04
C GLU B 248 -15.33 -38.83 19.41
N LYS B 249 -15.40 -39.10 18.09
CA LYS B 249 -16.61 -39.25 17.29
C LYS B 249 -17.49 -37.99 17.30
N LYS B 250 -16.87 -36.82 17.45
CA LYS B 250 -17.54 -35.51 17.40
C LYS B 250 -17.78 -35.06 15.96
N ILE B 251 -17.03 -35.63 14.99
CA ILE B 251 -17.16 -35.40 13.55
C ILE B 251 -17.49 -36.76 12.91
N THR B 252 -18.75 -36.95 12.52
CA THR B 252 -19.26 -38.17 11.90
C THR B 252 -19.31 -38.05 10.36
N LYS B 253 -19.39 -36.83 9.82
CA LYS B 253 -19.41 -36.62 8.38
C LYS B 253 -18.03 -36.90 7.81
N PRO B 254 -17.93 -37.44 6.57
CA PRO B 254 -16.59 -37.73 6.01
C PRO B 254 -15.76 -36.45 5.84
N LEU B 255 -14.52 -36.49 6.34
CA LEU B 255 -13.62 -35.34 6.33
C LEU B 255 -12.36 -35.54 5.47
N VAL B 256 -12.19 -34.70 4.44
CA VAL B 256 -11.00 -34.70 3.58
C VAL B 256 -10.00 -33.76 4.24
N ALA B 257 -8.76 -34.20 4.46
CA ALA B 257 -7.77 -33.36 5.14
C ALA B 257 -6.39 -33.45 4.54
N TRP B 258 -5.74 -32.30 4.40
CA TRP B 258 -4.36 -32.25 3.94
C TRP B 258 -3.61 -31.15 4.66
N VAL B 259 -2.42 -31.47 5.15
CA VAL B 259 -1.58 -30.53 5.87
C VAL B 259 -0.34 -30.29 5.01
N THR B 260 -0.15 -29.04 4.61
CA THR B 260 0.98 -28.65 3.78
C THR B 260 2.24 -28.43 4.63
N GLY B 261 3.39 -28.43 3.99
CA GLY B 261 4.66 -28.23 4.68
C GLY B 261 5.50 -29.48 4.75
N THR B 262 5.25 -30.45 3.84
CA THR B 262 6.02 -31.70 3.74
C THR B 262 7.48 -31.46 3.31
N CYS B 263 7.78 -30.28 2.75
CA CYS B 263 9.09 -29.85 2.31
C CYS B 263 10.04 -29.62 3.50
N SER B 264 9.51 -29.12 4.64
CA SER B 264 10.27 -28.75 5.83
C SER B 264 11.45 -29.66 6.23
N PRO B 265 11.31 -31.01 6.39
CA PRO B 265 12.47 -31.83 6.79
C PRO B 265 13.62 -31.85 5.77
N TYR B 266 13.33 -31.58 4.49
CA TYR B 266 14.35 -31.54 3.44
C TYR B 266 15.20 -30.24 3.49
N LEU B 267 14.64 -29.18 4.09
CA LEU B 267 15.22 -27.83 4.20
C LEU B 267 15.77 -27.55 5.64
N PRO B 268 16.50 -26.45 5.90
CA PRO B 268 17.01 -26.21 7.26
C PRO B 268 15.91 -25.95 8.30
N ALA B 269 16.16 -26.33 9.56
CA ALA B 269 15.21 -26.18 10.67
C ALA B 269 14.86 -24.71 10.98
N SER B 270 15.76 -23.77 10.63
CA SER B 270 15.60 -22.33 10.89
C SER B 270 14.63 -21.63 9.96
N VAL B 271 14.25 -22.25 8.84
CA VAL B 271 13.36 -21.63 7.85
C VAL B 271 11.95 -21.33 8.39
N GLN B 272 11.62 -20.04 8.42
CA GLN B 272 10.30 -19.54 8.79
C GLN B 272 9.56 -19.36 7.47
N PHE B 273 8.37 -19.96 7.34
CA PHE B 273 7.62 -19.86 6.10
C PHE B 273 6.71 -18.60 6.11
N GLY B 274 6.06 -18.31 4.97
CA GLY B 274 5.21 -17.16 4.75
C GLY B 274 4.32 -16.73 5.90
N HIS B 275 3.37 -17.60 6.28
CA HIS B 275 2.49 -17.30 7.40
C HIS B 275 3.27 -17.20 8.71
N ALA B 276 2.85 -16.27 9.60
CA ALA B 276 3.54 -16.07 10.88
C ALA B 276 3.63 -17.36 11.71
N GLY B 277 2.61 -18.19 11.63
CA GLY B 277 2.59 -19.45 12.37
C GLY B 277 3.15 -20.66 11.64
N ALA B 278 3.62 -20.50 10.40
CA ALA B 278 4.16 -21.61 9.62
C ALA B 278 5.63 -21.93 9.92
N LYS B 279 5.90 -22.44 11.11
CA LYS B 279 7.24 -22.87 11.51
C LYS B 279 7.11 -23.98 12.55
N ALA B 280 7.44 -25.21 12.16
CA ALA B 280 7.35 -26.36 13.05
C ALA B 280 8.45 -26.32 14.11
N ASN B 281 8.10 -25.90 15.34
CA ASN B 281 9.03 -25.83 16.48
C ASN B 281 9.34 -27.22 17.01
N THR B 282 8.33 -28.10 17.04
CA THR B 282 8.49 -29.47 17.51
C THR B 282 8.21 -30.46 16.35
N GLU B 283 8.49 -31.77 16.56
CA GLU B 283 8.20 -32.81 15.56
C GLU B 283 6.68 -32.87 15.34
N LYS B 284 5.90 -32.76 16.43
CA LYS B 284 4.44 -32.79 16.42
C LYS B 284 3.88 -31.72 15.49
N GLU B 285 4.52 -30.55 15.44
CA GLU B 285 4.12 -29.42 14.60
C GLU B 285 4.36 -29.63 13.09
N THR B 286 5.15 -30.64 12.69
CA THR B 286 5.44 -30.89 11.27
C THR B 286 4.23 -31.39 10.47
N ALA B 287 4.25 -31.21 9.13
CA ALA B 287 3.18 -31.71 8.26
C ALA B 287 3.09 -33.25 8.28
N GLN B 288 4.23 -33.95 8.37
CA GLN B 288 4.28 -35.42 8.43
C GLN B 288 3.53 -35.96 9.64
N ALA B 289 3.81 -35.42 10.84
CA ALA B 289 3.15 -35.84 12.07
C ALA B 289 1.65 -35.54 12.02
N LYS B 290 1.27 -34.42 11.41
CA LYS B 290 -0.14 -34.03 11.30
C LYS B 290 -0.91 -34.92 10.31
N ASN B 291 -0.35 -35.17 9.11
CA ASN B 291 -0.96 -36.00 8.07
C ASN B 291 -1.07 -37.47 8.51
N ASP B 292 -0.08 -37.95 9.30
CA ASP B 292 -0.12 -39.32 9.83
C ASP B 292 -1.22 -39.45 10.88
N ALA B 293 -1.30 -38.50 11.83
CA ALA B 293 -2.34 -38.50 12.87
C ALA B 293 -3.73 -38.33 12.25
N PHE B 294 -3.84 -37.62 11.11
CA PHE B 294 -5.11 -37.46 10.41
C PHE B 294 -5.52 -38.80 9.81
N ARG B 295 -4.57 -39.51 9.15
CA ARG B 295 -4.82 -40.81 8.52
C ARG B 295 -5.35 -41.81 9.53
N GLN B 296 -4.68 -41.90 10.70
CA GLN B 296 -4.99 -42.78 11.82
C GLN B 296 -6.32 -42.44 12.51
N ALA B 297 -6.79 -41.19 12.40
CA ALA B 297 -8.06 -40.75 12.99
C ALA B 297 -9.30 -41.04 12.11
N GLY B 298 -9.09 -41.51 10.88
CA GLY B 298 -10.18 -41.85 9.98
C GLY B 298 -10.47 -40.86 8.88
N ALA B 299 -9.68 -39.77 8.77
CA ALA B 299 -9.88 -38.77 7.74
C ALA B 299 -9.41 -39.27 6.35
N TYR B 300 -9.94 -38.69 5.27
CA TYR B 300 -9.57 -39.01 3.90
C TYR B 300 -8.41 -38.09 3.54
N VAL B 301 -7.20 -38.63 3.63
CA VAL B 301 -5.97 -37.87 3.39
C VAL B 301 -5.35 -38.27 2.05
N PRO B 302 -5.12 -37.32 1.13
CA PRO B 302 -4.49 -37.68 -0.16
C PRO B 302 -2.98 -37.94 -0.03
N ARG B 303 -2.36 -38.45 -1.11
CA ARG B 303 -0.92 -38.75 -1.17
C ARG B 303 -0.08 -37.44 -1.13
N SER B 304 -0.58 -36.40 -1.78
CA SER B 304 0.00 -35.07 -1.84
C SER B 304 -1.13 -34.07 -2.13
N PHE B 305 -0.81 -32.75 -2.21
CA PHE B 305 -1.84 -31.75 -2.54
C PHE B 305 -2.43 -32.01 -3.93
N ASP B 306 -1.63 -32.55 -4.87
CA ASP B 306 -2.05 -32.86 -6.24
C ASP B 306 -3.30 -33.71 -6.34
N ASP B 307 -3.47 -34.67 -5.42
CA ASP B 307 -4.64 -35.53 -5.43
C ASP B 307 -5.69 -35.10 -4.40
N TYR B 308 -5.78 -33.79 -4.06
CA TYR B 308 -6.80 -33.30 -3.11
C TYR B 308 -8.19 -33.34 -3.78
N GLY B 309 -8.31 -32.80 -4.99
CA GLY B 309 -9.55 -32.80 -5.74
C GLY B 309 -10.06 -34.20 -6.02
N GLU B 310 -9.14 -35.13 -6.29
CA GLU B 310 -9.47 -36.53 -6.53
C GLU B 310 -10.07 -37.17 -5.27
N MET B 311 -9.55 -36.82 -4.07
CA MET B 311 -10.08 -37.31 -2.79
C MET B 311 -11.46 -36.71 -2.55
N VAL B 312 -11.66 -35.43 -2.92
CA VAL B 312 -12.95 -34.75 -2.84
C VAL B 312 -13.96 -35.48 -3.74
N ARG B 313 -13.55 -35.81 -4.98
CA ARG B 313 -14.34 -36.53 -5.98
C ARG B 313 -14.72 -37.93 -5.47
N GLN B 314 -13.78 -38.62 -4.82
CA GLN B 314 -14.03 -39.93 -4.27
C GLN B 314 -15.07 -39.88 -3.16
N VAL B 315 -14.93 -38.93 -2.21
CA VAL B 315 -15.85 -38.80 -1.08
C VAL B 315 -17.24 -38.34 -1.53
N TYR B 316 -17.31 -37.39 -2.47
CA TYR B 316 -18.58 -36.91 -3.00
C TYR B 316 -19.31 -38.01 -3.75
N ASP B 317 -18.61 -38.73 -4.66
CA ASP B 317 -19.20 -39.82 -5.43
C ASP B 317 -19.78 -40.89 -4.52
N MET B 318 -19.08 -41.20 -3.41
CA MET B 318 -19.51 -42.16 -2.40
C MET B 318 -20.84 -41.72 -1.80
N LEU B 319 -20.97 -40.42 -1.43
CA LEU B 319 -22.20 -39.87 -0.85
C LEU B 319 -23.35 -39.92 -1.85
N LEU B 320 -23.06 -39.66 -3.14
CA LEU B 320 -24.02 -39.64 -4.23
C LEU B 320 -24.60 -41.01 -4.54
N THR B 321 -23.79 -42.07 -4.49
CA THR B 321 -24.23 -43.43 -4.76
C THR B 321 -25.07 -43.96 -3.59
N ARG B 322 -24.62 -43.68 -2.36
CA ARG B 322 -25.28 -44.07 -1.13
C ARG B 322 -26.57 -43.27 -0.84
N GLY B 323 -26.83 -42.22 -1.60
CA GLY B 323 -28.02 -41.42 -1.42
C GLY B 323 -27.93 -40.34 -0.36
N ILE B 324 -26.79 -40.26 0.36
CA ILE B 324 -26.57 -39.25 1.40
C ILE B 324 -26.67 -37.84 0.81
N VAL B 325 -26.13 -37.64 -0.39
CA VAL B 325 -26.23 -36.37 -1.09
C VAL B 325 -27.09 -36.53 -2.34
N GLN B 326 -27.94 -35.53 -2.61
CA GLN B 326 -28.84 -35.57 -3.76
C GLN B 326 -28.39 -34.63 -4.87
N LYS B 327 -28.50 -35.10 -6.11
CA LYS B 327 -28.15 -34.30 -7.28
C LYS B 327 -29.21 -33.21 -7.44
N PHE B 328 -28.81 -31.97 -7.66
CA PHE B 328 -29.77 -30.88 -7.86
C PHE B 328 -29.60 -30.24 -9.23
N ASP B 329 -30.67 -29.62 -9.74
CA ASP B 329 -30.61 -28.95 -11.05
C ASP B 329 -29.85 -27.63 -10.94
N GLU B 330 -28.92 -27.40 -11.87
CA GLU B 330 -28.12 -26.18 -11.87
C GLU B 330 -29.00 -24.96 -12.09
N PRO B 331 -28.95 -23.98 -11.18
CA PRO B 331 -29.72 -22.75 -11.40
C PRO B 331 -29.16 -21.93 -12.57
N GLU B 332 -29.96 -20.98 -13.06
CA GLU B 332 -29.57 -20.12 -14.17
C GLU B 332 -28.28 -19.34 -13.84
N VAL B 333 -27.37 -19.27 -14.82
CA VAL B 333 -26.11 -18.55 -14.68
C VAL B 333 -26.36 -17.04 -14.60
N PRO B 334 -25.94 -16.40 -13.48
CA PRO B 334 -26.17 -14.96 -13.33
C PRO B 334 -25.27 -14.12 -14.22
N ARG B 335 -25.69 -12.88 -14.48
CA ARG B 335 -24.93 -11.98 -15.34
C ARG B 335 -24.64 -10.64 -14.66
N ILE B 336 -23.55 -9.98 -15.04
CA ILE B 336 -23.22 -8.66 -14.50
C ILE B 336 -22.47 -7.84 -15.55
N PRO B 337 -22.77 -6.53 -15.68
CA PRO B 337 -22.04 -5.71 -16.66
C PRO B 337 -20.57 -5.55 -16.25
N THR B 338 -19.72 -5.50 -17.26
CA THR B 338 -18.30 -5.34 -17.09
C THR B 338 -18.04 -3.87 -16.79
N ASP B 339 -17.06 -3.58 -15.97
CA ASP B 339 -16.65 -2.22 -15.69
C ASP B 339 -16.03 -1.64 -16.96
N TYR B 340 -16.38 -0.41 -17.29
CA TYR B 340 -15.89 0.30 -18.47
C TYR B 340 -14.36 0.25 -18.55
N SER B 341 -13.68 0.55 -17.43
CA SER B 341 -12.22 0.58 -17.34
C SER B 341 -11.57 -0.75 -17.75
N LYS B 342 -12.20 -1.89 -17.42
CA LYS B 342 -11.71 -3.22 -17.81
C LYS B 342 -11.89 -3.42 -19.33
N ALA B 343 -13.09 -3.14 -19.87
CA ALA B 343 -13.36 -3.26 -21.29
C ALA B 343 -12.44 -2.33 -22.12
N LEU B 344 -12.11 -1.16 -21.58
CA LEU B 344 -11.24 -0.22 -22.26
C LEU B 344 -9.78 -0.72 -22.25
N ALA B 345 -9.29 -1.22 -21.09
CA ALA B 345 -7.93 -1.73 -20.93
C ALA B 345 -7.64 -2.94 -21.81
N THR B 346 -8.58 -3.91 -21.87
CA THR B 346 -8.47 -5.08 -22.73
C THR B 346 -8.66 -4.79 -24.25
N GLY B 347 -8.95 -3.54 -24.60
CA GLY B 347 -9.17 -3.10 -25.98
C GLY B 347 -10.50 -3.48 -26.56
N ASP B 348 -11.43 -3.99 -25.73
CA ASP B 348 -12.75 -4.40 -26.18
C ASP B 348 -13.55 -3.23 -26.75
N ILE B 349 -13.43 -2.03 -26.12
CA ILE B 349 -14.19 -0.86 -26.53
C ILE B 349 -13.27 0.33 -26.87
N ARG B 350 -13.85 1.34 -27.56
CA ARG B 350 -13.24 2.61 -27.89
C ARG B 350 -14.28 3.70 -27.60
N LYS B 351 -13.81 4.88 -27.20
CA LYS B 351 -14.70 6.00 -26.86
C LYS B 351 -14.07 7.30 -27.37
N PRO B 352 -14.79 8.08 -28.19
CA PRO B 352 -14.20 9.31 -28.73
C PRO B 352 -13.97 10.39 -27.69
N THR B 353 -12.95 11.22 -27.91
CA THR B 353 -12.68 12.32 -27.00
C THR B 353 -13.60 13.49 -27.39
N THR B 354 -14.00 14.29 -26.42
CA THR B 354 -14.82 15.47 -26.67
C THR B 354 -13.97 16.68 -27.05
N PHE B 355 -12.76 16.77 -26.47
CA PHE B 355 -11.90 17.91 -26.70
C PHE B 355 -10.61 17.54 -27.37
N ILE B 356 -10.02 18.48 -28.07
CA ILE B 356 -8.69 18.41 -28.59
C ILE B 356 -7.88 19.49 -27.83
N CYS B 357 -6.58 19.20 -27.54
CA CYS B 357 -5.65 20.17 -26.97
C CYS B 357 -4.38 20.11 -27.81
N THR B 358 -3.96 21.22 -28.39
CA THR B 358 -2.76 21.26 -29.19
C THR B 358 -1.61 22.05 -28.58
N ILE B 359 -1.81 22.70 -27.41
CA ILE B 359 -0.79 23.62 -26.89
C ILE B 359 0.06 23.08 -25.76
N SER B 360 -0.40 22.09 -25.02
CA SER B 360 0.39 21.56 -23.91
C SER B 360 -0.06 20.14 -23.62
N ASP B 361 0.77 19.39 -22.94
CA ASP B 361 0.45 18.04 -22.56
C ASP B 361 1.08 17.78 -21.18
N ASP B 362 0.20 17.55 -20.23
CA ASP B 362 0.58 17.23 -18.85
C ASP B 362 0.48 15.73 -18.54
N SER B 363 0.11 14.89 -19.50
CA SER B 363 -0.20 13.50 -19.24
C SER B 363 0.96 12.54 -19.27
N GLY B 364 2.16 12.99 -19.66
CA GLY B 364 3.30 12.11 -19.71
C GLY B 364 4.29 12.23 -18.55
N GLU B 365 5.48 11.74 -18.77
CA GLU B 365 6.53 11.79 -17.76
C GLU B 365 6.98 13.26 -17.51
N GLU B 366 6.88 14.12 -18.55
CA GLU B 366 7.26 15.51 -18.39
C GLU B 366 6.32 16.45 -19.11
N LEU B 367 5.99 17.59 -18.48
CA LEU B 367 5.11 18.62 -19.07
C LEU B 367 5.68 19.11 -20.40
N LEU B 368 4.84 19.20 -21.43
CA LEU B 368 5.21 19.69 -22.76
C LEU B 368 4.48 21.00 -23.06
N TYR B 369 5.18 22.00 -23.61
CA TYR B 369 4.57 23.27 -24.05
C TYR B 369 4.73 23.22 -25.57
N ALA B 370 3.63 23.02 -26.30
CA ALA B 370 3.58 22.88 -27.75
C ALA B 370 4.57 21.77 -28.23
N GLY B 371 4.62 20.67 -27.48
CA GLY B 371 5.45 19.54 -27.84
C GLY B 371 6.86 19.56 -27.29
N LYS B 372 7.31 20.68 -26.73
CA LYS B 372 8.66 20.86 -26.23
C LYS B 372 8.67 20.62 -24.74
N LYS B 373 9.59 19.79 -24.25
CA LYS B 373 9.72 19.50 -22.81
C LYS B 373 9.99 20.79 -22.03
N LEU B 374 9.33 20.99 -20.85
CA LEU B 374 9.63 22.15 -20.00
C LEU B 374 11.15 22.29 -19.69
N SER B 375 11.84 21.18 -19.46
CA SER B 375 13.30 21.15 -19.23
C SER B 375 14.05 21.82 -20.37
N ASP B 376 13.69 21.52 -21.64
CA ASP B 376 14.38 22.09 -22.79
C ASP B 376 14.03 23.57 -22.93
N VAL B 377 12.80 23.98 -22.58
CA VAL B 377 12.39 25.38 -22.61
C VAL B 377 13.30 26.18 -21.64
N LEU B 378 13.50 25.68 -20.44
CA LEU B 378 14.32 26.30 -19.43
C LEU B 378 15.82 26.23 -19.75
N ASP B 379 16.37 25.07 -20.18
CA ASP B 379 17.79 24.93 -20.57
C ASP B 379 18.17 25.86 -21.70
N ARG B 380 17.23 26.12 -22.62
CA ARG B 380 17.48 27.02 -23.73
C ARG B 380 17.23 28.48 -23.41
N LYS B 381 16.77 28.81 -22.17
CA LYS B 381 16.51 30.15 -21.70
C LYS B 381 15.56 30.90 -22.63
N MET B 382 14.53 30.22 -23.11
CA MET B 382 13.50 30.83 -23.94
C MET B 382 12.75 31.99 -23.19
N GLY B 383 12.72 31.95 -21.86
CA GLY B 383 12.11 33.00 -21.09
C GLY B 383 10.61 33.03 -21.18
N ILE B 384 9.98 34.00 -20.50
CA ILE B 384 8.54 34.19 -20.49
C ILE B 384 7.99 34.48 -21.89
N GLY B 385 8.72 35.23 -22.70
CA GLY B 385 8.32 35.55 -24.08
C GLY B 385 8.30 34.32 -24.97
N GLY B 386 9.27 33.43 -24.77
CA GLY B 386 9.38 32.15 -25.46
C GLY B 386 8.29 31.19 -25.02
N VAL B 387 7.92 31.18 -23.75
CA VAL B 387 6.78 30.37 -23.26
C VAL B 387 5.45 30.83 -23.91
N ILE B 388 5.27 32.16 -24.03
CA ILE B 388 4.08 32.73 -24.67
C ILE B 388 4.10 32.39 -26.15
N GLY B 389 5.28 32.43 -26.81
CA GLY B 389 5.38 32.02 -28.21
C GLY B 389 4.88 30.59 -28.41
N LEU B 390 5.29 29.67 -27.52
CA LEU B 390 4.84 28.28 -27.59
C LEU B 390 3.36 28.08 -27.29
N LEU B 391 2.88 28.61 -26.14
CA LEU B 391 1.52 28.40 -25.68
C LEU B 391 0.47 29.15 -26.47
N TRP B 392 0.76 30.36 -26.97
CA TRP B 392 -0.25 31.12 -27.71
C TRP B 392 -0.13 30.93 -29.22
N PHE B 393 1.10 30.94 -29.75
CA PHE B 393 1.32 30.88 -31.20
C PHE B 393 1.78 29.55 -31.73
N LYS B 394 2.13 28.61 -30.85
CA LYS B 394 2.73 27.32 -31.20
C LYS B 394 3.97 27.49 -32.06
N LYS B 395 4.81 28.48 -31.71
CA LYS B 395 6.05 28.74 -32.44
C LYS B 395 7.16 28.89 -31.46
N GLU B 396 8.33 28.49 -31.87
CA GLU B 396 9.57 28.77 -31.18
C GLU B 396 10.00 30.08 -31.90
N LEU B 397 9.72 31.23 -31.32
CA LEU B 397 9.95 32.52 -31.97
C LEU B 397 11.42 32.90 -31.97
N PRO B 398 11.85 33.78 -32.92
CA PRO B 398 13.20 34.34 -32.81
C PRO B 398 13.33 35.11 -31.48
N GLU B 399 14.51 35.17 -30.95
CA GLU B 399 14.78 35.81 -29.67
C GLU B 399 14.25 37.24 -29.57
N TYR B 400 14.44 38.07 -30.60
CA TYR B 400 13.98 39.46 -30.54
C TYR B 400 12.46 39.58 -30.50
N ALA B 401 11.74 38.56 -31.04
CA ALA B 401 10.30 38.55 -31.04
C ALA B 401 9.81 38.18 -29.61
N ALA B 402 10.48 37.19 -28.95
CA ALA B 402 10.16 36.80 -27.57
C ALA B 402 10.48 37.98 -26.61
N HIS B 403 11.58 38.73 -26.85
CA HIS B 403 11.96 39.91 -26.05
C HIS B 403 11.01 41.07 -26.26
N PHE B 404 10.39 41.21 -27.47
CA PHE B 404 9.39 42.26 -27.68
C PHE B 404 8.13 41.95 -26.84
N ILE B 405 7.76 40.67 -26.71
CA ILE B 405 6.60 40.29 -25.89
C ILE B 405 6.89 40.66 -24.41
N GLU B 406 8.09 40.34 -23.93
CA GLU B 406 8.49 40.68 -22.57
C GLU B 406 8.58 42.19 -22.34
N LEU B 407 9.04 42.95 -23.34
CA LEU B 407 9.08 44.41 -23.29
C LEU B 407 7.65 44.98 -23.14
N VAL B 408 6.70 44.50 -23.93
CA VAL B 408 5.30 44.93 -23.84
C VAL B 408 4.74 44.68 -22.42
N ILE B 409 4.97 43.46 -21.85
CA ILE B 409 4.48 43.12 -20.50
C ILE B 409 4.97 44.13 -19.45
N GLN B 410 6.27 44.49 -19.50
CA GLN B 410 6.86 45.46 -18.58
C GLN B 410 6.31 46.87 -18.77
N ILE B 411 6.13 47.28 -20.04
CA ILE B 411 5.64 48.60 -20.40
C ILE B 411 4.18 48.80 -19.99
N VAL B 412 3.33 47.75 -20.09
CA VAL B 412 1.94 47.87 -19.69
C VAL B 412 1.64 47.35 -18.28
N ALA B 413 2.65 46.93 -17.50
CA ALA B 413 2.47 46.38 -16.15
C ALA B 413 1.53 47.25 -15.28
N ASP B 414 1.76 48.57 -15.27
CA ASP B 414 0.89 49.46 -14.52
C ASP B 414 0.87 50.86 -15.13
N HIS B 415 -0.27 51.53 -15.03
CA HIS B 415 -0.40 52.92 -15.44
C HIS B 415 -1.17 53.73 -14.40
N GLY B 416 -0.88 53.47 -13.12
CA GLY B 416 -1.45 54.19 -12.00
C GLY B 416 -2.77 53.60 -11.53
N PRO B 417 -3.25 54.15 -10.40
CA PRO B 417 -4.46 53.58 -9.76
C PRO B 417 -5.78 54.10 -10.30
N ALA B 418 -5.75 55.13 -11.15
CA ALA B 418 -6.92 55.83 -11.62
C ALA B 418 -7.62 55.16 -12.78
N VAL B 419 -6.89 54.34 -13.59
CA VAL B 419 -7.53 53.69 -14.73
C VAL B 419 -8.65 52.72 -14.29
N SER B 420 -9.61 52.42 -15.18
CA SER B 420 -10.77 51.59 -14.82
C SER B 420 -10.42 50.28 -14.10
N GLY B 421 -9.51 49.50 -14.66
CA GLY B 421 -9.17 48.19 -14.10
C GLY B 421 -8.52 48.27 -12.74
N ALA B 422 -7.54 49.18 -12.59
CA ALA B 422 -6.86 49.37 -11.30
C ALA B 422 -7.84 49.94 -10.28
N HIS B 423 -8.70 50.88 -10.71
CA HIS B 423 -9.70 51.47 -9.83
C HIS B 423 -10.69 50.44 -9.28
N ASN B 424 -11.21 49.55 -10.14
CA ASN B 424 -12.16 48.53 -9.69
C ASN B 424 -11.50 47.50 -8.75
N ALA B 425 -10.27 47.10 -9.07
CA ALA B 425 -9.50 46.16 -8.25
C ALA B 425 -9.23 46.79 -6.84
N ILE B 426 -8.96 48.13 -6.77
CA ILE B 426 -8.75 48.84 -5.51
C ILE B 426 -10.05 48.90 -4.70
N VAL B 427 -11.20 49.15 -5.36
CA VAL B 427 -12.48 49.21 -4.67
C VAL B 427 -12.83 47.83 -4.08
N ALA B 428 -12.61 46.74 -4.82
CA ALA B 428 -12.86 45.38 -4.34
C ALA B 428 -11.91 45.05 -3.17
N SER B 429 -10.60 45.43 -3.28
CA SER B 429 -9.63 45.24 -2.20
C SER B 429 -10.02 46.03 -0.92
N CYS B 430 -10.52 47.31 -1.07
CA CYS B 430 -11.03 48.12 0.04
C CYS B 430 -12.26 47.51 0.66
N ALA B 431 -13.05 46.74 -0.11
CA ALA B 431 -14.25 46.04 0.37
C ALA B 431 -13.85 44.70 1.08
N GLY B 432 -12.55 44.46 1.30
CA GLY B 432 -12.09 43.29 1.99
C GLY B 432 -12.09 42.05 1.14
N LYS B 433 -12.10 42.18 -0.23
CA LYS B 433 -12.11 41.00 -1.07
C LYS B 433 -10.74 40.35 -1.16
N ASP B 434 -10.71 39.04 -1.42
CA ASP B 434 -9.49 38.29 -1.62
C ASP B 434 -8.83 38.78 -2.95
N LEU B 435 -7.55 38.40 -3.18
CA LEU B 435 -6.80 38.83 -4.34
C LEU B 435 -7.46 38.42 -5.66
N ILE B 436 -7.87 37.15 -5.83
CA ILE B 436 -8.44 36.67 -7.08
C ILE B 436 -9.74 37.39 -7.47
N SER B 437 -10.67 37.58 -6.53
CA SER B 437 -11.92 38.28 -6.81
C SER B 437 -11.62 39.72 -7.22
N SER B 438 -10.71 40.40 -6.48
CA SER B 438 -10.34 41.79 -6.74
C SER B 438 -9.67 41.91 -8.13
N LEU B 439 -8.78 40.99 -8.44
CA LEU B 439 -8.12 40.95 -9.74
C LEU B 439 -9.13 40.84 -10.90
N CYS B 440 -10.08 39.91 -10.80
CA CYS B 440 -11.10 39.68 -11.84
C CYS B 440 -12.04 40.85 -11.91
N SER B 441 -12.38 41.50 -10.81
CA SER B 441 -13.20 42.70 -10.81
C SER B 441 -12.57 43.80 -11.75
N GLY B 442 -11.27 43.98 -11.64
CA GLY B 442 -10.53 44.91 -12.49
C GLY B 442 -10.28 44.43 -13.91
N LEU B 443 -9.95 43.13 -14.12
CA LEU B 443 -9.74 42.59 -15.47
C LEU B 443 -11.03 42.68 -16.32
N LEU B 444 -12.20 42.58 -15.70
CA LEU B 444 -13.47 42.65 -16.42
C LEU B 444 -13.80 44.04 -16.98
N THR B 445 -12.97 45.07 -16.71
CA THR B 445 -13.18 46.41 -17.31
C THR B 445 -12.42 46.50 -18.68
N ILE B 446 -11.54 45.52 -18.99
CA ILE B 446 -10.70 45.51 -20.21
C ILE B 446 -11.57 45.22 -21.41
N GLY B 447 -11.68 46.22 -22.28
CA GLY B 447 -12.61 46.18 -23.41
C GLY B 447 -12.31 47.28 -24.42
N PRO B 448 -13.30 47.77 -25.14
CA PRO B 448 -13.00 48.71 -26.25
C PRO B 448 -12.42 50.07 -25.85
N ARG B 449 -12.75 50.59 -24.67
CA ARG B 449 -12.27 51.92 -24.26
C ARG B 449 -11.02 51.85 -23.40
N PHE B 450 -10.91 50.80 -22.57
CA PHE B 450 -9.78 50.64 -21.66
C PHE B 450 -9.09 49.32 -21.96
N GLY B 451 -7.83 49.42 -22.39
CA GLY B 451 -6.97 48.27 -22.62
C GLY B 451 -7.23 47.41 -23.83
N GLY B 452 -8.45 46.88 -23.97
CA GLY B 452 -8.85 45.98 -25.04
C GLY B 452 -9.10 46.58 -26.41
N ALA B 453 -8.38 47.64 -26.74
CA ALA B 453 -8.44 48.23 -28.09
C ALA B 453 -7.35 47.63 -29.02
N ILE B 454 -6.41 46.81 -28.47
CA ILE B 454 -5.28 46.30 -29.24
C ILE B 454 -5.74 45.49 -30.48
N ASP B 455 -6.66 44.53 -30.31
CA ASP B 455 -7.11 43.71 -31.42
C ASP B 455 -7.74 44.54 -32.54
N ASP B 456 -8.64 45.50 -32.17
CA ASP B 456 -9.29 46.35 -33.14
C ASP B 456 -8.33 47.28 -33.79
N ALA B 457 -7.30 47.81 -33.09
CA ALA B 457 -6.28 48.68 -33.73
C ALA B 457 -5.54 47.92 -34.78
N ALA B 458 -5.11 46.67 -34.46
CA ALA B 458 -4.41 45.82 -35.41
C ALA B 458 -5.34 45.58 -36.66
N ARG B 459 -6.62 45.24 -36.42
CA ARG B 459 -7.60 44.95 -37.45
C ARG B 459 -7.88 46.12 -38.42
N GLU B 460 -8.19 47.31 -37.87
CA GLU B 460 -8.56 48.50 -38.62
C GLU B 460 -7.42 49.15 -39.34
N PHE B 461 -6.22 49.24 -38.72
CA PHE B 461 -5.09 49.82 -39.42
C PHE B 461 -4.61 48.86 -40.50
N LYS B 462 -4.62 47.55 -40.26
CA LYS B 462 -4.18 46.57 -41.27
C LYS B 462 -5.10 46.64 -42.49
N ARG B 463 -6.43 46.70 -42.29
CA ARG B 463 -7.43 46.82 -43.35
C ARG B 463 -7.25 48.10 -44.18
N ALA B 464 -7.12 49.26 -43.54
CA ALA B 464 -6.92 50.53 -44.23
C ALA B 464 -5.67 50.50 -45.10
N GLN B 465 -4.55 50.03 -44.54
CA GLN B 465 -3.28 49.99 -45.25
C GLN B 465 -3.27 48.95 -46.38
N GLU B 466 -3.93 47.80 -46.17
CA GLU B 466 -4.03 46.72 -47.15
C GLU B 466 -4.99 47.06 -48.30
N THR B 467 -6.17 47.61 -47.99
CA THR B 467 -7.14 47.98 -49.02
C THR B 467 -6.74 49.25 -49.80
N GLY B 468 -5.58 49.83 -49.49
CA GLY B 468 -5.05 50.97 -50.22
C GLY B 468 -5.54 52.34 -49.80
N LEU B 469 -6.24 52.42 -48.67
CA LEU B 469 -6.75 53.71 -48.19
C LEU B 469 -5.58 54.64 -47.80
N ALA B 470 -5.64 55.91 -48.21
CA ALA B 470 -4.62 56.89 -47.79
C ALA B 470 -4.93 57.23 -46.30
N PRO B 471 -3.94 57.55 -45.45
CA PRO B 471 -4.25 57.89 -44.04
C PRO B 471 -5.43 58.87 -43.84
N GLU B 472 -5.54 59.89 -44.72
CA GLU B 472 -6.61 60.89 -44.68
C GLU B 472 -7.97 60.28 -45.03
N GLN B 473 -7.98 59.34 -45.98
CA GLN B 473 -9.18 58.61 -46.38
C GLN B 473 -9.66 57.70 -45.25
N PHE B 474 -8.74 57.07 -44.52
CA PHE B 474 -9.07 56.21 -43.39
C PHE B 474 -9.68 57.05 -42.26
N VAL B 475 -9.04 58.19 -41.92
CA VAL B 475 -9.52 59.10 -40.89
C VAL B 475 -10.92 59.60 -41.26
N GLY B 476 -11.08 59.99 -42.53
CA GLY B 476 -12.35 60.48 -43.08
C GLY B 476 -13.46 59.44 -43.11
N GLU B 477 -13.16 58.21 -43.54
CA GLU B 477 -14.12 57.10 -43.58
C GLU B 477 -14.67 56.74 -42.18
N MET B 478 -13.78 56.65 -41.17
CA MET B 478 -14.17 56.30 -39.80
C MET B 478 -15.05 57.38 -39.17
N LYS B 479 -14.77 58.65 -39.48
CA LYS B 479 -15.54 59.79 -39.00
C LYS B 479 -16.98 59.73 -39.57
N LYS B 480 -17.11 59.39 -40.88
CA LYS B 480 -18.40 59.28 -41.56
C LYS B 480 -19.25 58.13 -41.00
N LYS B 481 -18.62 57.03 -40.61
CA LYS B 481 -19.33 55.90 -40.01
C LYS B 481 -19.67 56.14 -38.52
N GLY B 482 -19.15 57.22 -37.93
CA GLY B 482 -19.33 57.53 -36.52
C GLY B 482 -18.57 56.57 -35.61
N ILE B 483 -17.48 55.96 -36.12
CA ILE B 483 -16.71 54.99 -35.35
C ILE B 483 -15.37 55.58 -34.96
N ASN B 484 -15.05 55.54 -33.66
CA ASN B 484 -13.72 56.00 -33.20
C ASN B 484 -12.62 55.13 -33.84
N ILE B 485 -11.45 55.71 -34.16
CA ILE B 485 -10.35 54.89 -34.63
C ILE B 485 -9.73 54.18 -33.40
N PRO B 486 -9.80 52.84 -33.33
CA PRO B 486 -9.21 52.15 -32.16
C PRO B 486 -7.69 52.30 -32.17
N GLY B 487 -7.12 52.51 -30.99
CA GLY B 487 -5.69 52.77 -30.83
C GLY B 487 -5.30 54.23 -30.95
N ILE B 488 -6.32 55.11 -31.11
CA ILE B 488 -6.18 56.55 -31.18
C ILE B 488 -6.93 57.17 -29.98
N GLY B 489 -6.33 58.17 -29.33
CA GLY B 489 -6.92 58.90 -28.23
C GLY B 489 -6.45 58.49 -26.86
N HIS B 490 -6.46 59.43 -25.91
CA HIS B 490 -6.07 59.14 -24.54
C HIS B 490 -6.70 60.11 -23.55
N LYS B 491 -6.96 59.66 -22.33
CA LYS B 491 -7.52 60.48 -21.26
C LYS B 491 -6.52 61.51 -20.69
N ILE B 492 -5.21 61.15 -20.53
CA ILE B 492 -4.20 62.06 -19.97
C ILE B 492 -3.00 62.32 -20.89
N LYS B 493 -2.63 61.35 -21.77
CA LYS B 493 -1.51 61.53 -22.68
C LYS B 493 -1.98 62.30 -23.94
N SER B 494 -1.11 63.11 -24.54
CA SER B 494 -1.48 63.98 -25.67
C SER B 494 -0.21 64.55 -26.37
N VAL B 495 -0.35 65.53 -27.28
CA VAL B 495 0.81 66.19 -27.91
C VAL B 495 1.64 66.94 -26.82
N LYS B 496 0.95 67.65 -25.91
CA LYS B 496 1.49 68.42 -24.78
C LYS B 496 2.11 67.47 -23.69
N ASN B 497 1.52 66.29 -23.47
CA ASN B 497 2.01 65.28 -22.52
C ASN B 497 2.31 63.96 -23.30
N PRO B 498 3.45 63.86 -24.01
CA PRO B 498 3.70 62.65 -24.83
C PRO B 498 3.83 61.36 -24.03
N ASP B 499 3.42 60.24 -24.64
CA ASP B 499 3.50 58.94 -23.97
C ASP B 499 4.84 58.28 -24.29
N LYS B 500 5.77 58.33 -23.33
CA LYS B 500 7.07 57.73 -23.52
C LYS B 500 7.01 56.19 -23.70
N ARG B 501 5.93 55.54 -23.26
CA ARG B 501 5.77 54.10 -23.46
C ARG B 501 5.71 53.80 -24.97
N VAL B 502 5.00 54.64 -25.73
CA VAL B 502 4.84 54.51 -27.17
C VAL B 502 6.22 54.71 -27.83
N GLN B 503 6.98 55.71 -27.37
CA GLN B 503 8.34 55.97 -27.86
C GLN B 503 9.27 54.77 -27.62
N LEU B 504 9.22 54.17 -26.44
CA LEU B 504 10.03 53.01 -26.07
C LEU B 504 9.70 51.80 -26.95
N LEU B 505 8.39 51.54 -27.23
CA LEU B 505 8.00 50.44 -28.11
C LEU B 505 8.47 50.72 -29.57
N ILE B 506 8.31 51.95 -30.04
CA ILE B 506 8.76 52.35 -31.38
C ILE B 506 10.27 52.24 -31.52
N SER B 507 11.08 52.66 -30.50
CA SER B 507 12.54 52.53 -30.65
C SER B 507 12.97 51.09 -30.74
N TYR B 508 12.36 50.20 -29.96
CA TYR B 508 12.71 48.78 -30.03
C TYR B 508 12.44 48.18 -31.44
N ALA B 509 11.25 48.43 -31.99
CA ALA B 509 10.84 47.95 -33.32
C ALA B 509 11.76 48.51 -34.44
N ARG B 510 12.16 49.79 -34.35
CA ARG B 510 13.05 50.37 -35.35
C ARG B 510 14.43 49.73 -35.27
N ALA B 511 14.90 49.42 -34.04
CA ALA B 511 16.22 48.82 -33.89
C ALA B 511 16.24 47.34 -34.22
N ASN B 512 15.12 46.60 -34.01
CA ASN B 512 15.14 45.15 -34.20
C ASN B 512 14.21 44.54 -35.28
N PHE B 513 13.14 45.20 -35.73
CA PHE B 513 12.25 44.58 -36.74
C PHE B 513 12.76 44.80 -38.16
N PRO B 514 12.76 43.75 -39.02
CA PRO B 514 13.20 43.95 -40.42
C PRO B 514 12.36 45.01 -41.14
N SER B 515 11.09 45.21 -40.77
CA SER B 515 10.27 46.27 -41.39
C SER B 515 9.19 46.80 -40.42
N THR B 516 8.81 48.07 -40.55
CA THR B 516 7.78 48.74 -39.77
C THR B 516 6.82 49.51 -40.70
N GLU B 517 6.35 48.88 -41.78
CA GLU B 517 5.44 49.54 -42.73
C GLU B 517 4.10 49.98 -42.12
N LEU B 518 3.45 49.13 -41.31
CA LEU B 518 2.18 49.50 -40.69
C LEU B 518 2.39 50.60 -39.64
N LEU B 519 3.56 50.60 -38.95
CA LEU B 519 3.85 51.67 -37.99
C LEU B 519 3.97 53.00 -38.73
N ASN B 520 4.69 53.02 -39.88
CA ASN B 520 4.86 54.23 -40.65
C ASN B 520 3.50 54.81 -41.11
N TYR B 521 2.58 53.94 -41.52
CA TYR B 521 1.24 54.32 -41.92
C TYR B 521 0.47 54.90 -40.70
N ALA B 522 0.50 54.18 -39.55
CA ALA B 522 -0.15 54.62 -38.31
C ALA B 522 0.33 56.00 -37.86
N LEU B 523 1.64 56.29 -37.97
CA LEU B 523 2.21 57.58 -37.58
C LEU B 523 1.70 58.71 -38.49
N GLN B 524 1.40 58.41 -39.77
CA GLN B 524 0.81 59.37 -40.72
C GLN B 524 -0.64 59.68 -40.28
N VAL B 525 -1.41 58.64 -39.87
CA VAL B 525 -2.78 58.80 -39.35
C VAL B 525 -2.74 59.72 -38.09
N GLU B 526 -1.77 59.47 -37.17
CA GLU B 526 -1.57 60.25 -35.95
C GLU B 526 -1.31 61.75 -36.23
N GLU B 527 -0.52 62.07 -37.28
CA GLU B 527 -0.26 63.47 -37.66
C GLU B 527 -1.58 64.20 -37.97
N LEU B 528 -2.48 63.51 -38.67
CA LEU B 528 -3.79 64.02 -39.04
C LEU B 528 -4.72 64.14 -37.84
N THR B 529 -4.78 63.12 -36.96
CA THR B 529 -5.69 63.18 -35.82
C THR B 529 -5.25 64.23 -34.80
N THR B 530 -3.96 64.27 -34.47
CA THR B 530 -3.43 65.26 -33.52
C THR B 530 -3.55 66.70 -34.04
N ALA B 531 -3.58 66.89 -35.38
CA ALA B 531 -3.77 68.22 -35.97
C ALA B 531 -5.16 68.78 -35.61
N LYS B 532 -6.16 67.89 -35.42
CA LYS B 532 -7.53 68.26 -35.04
C LYS B 532 -7.63 68.50 -33.53
N LYS B 533 -7.21 67.51 -32.72
CA LYS B 533 -7.26 67.51 -31.25
C LYS B 533 -5.98 66.86 -30.74
N GLY B 534 -5.30 67.54 -29.83
CA GLY B 534 -4.02 67.10 -29.27
C GLY B 534 -4.05 65.77 -28.52
N ASN B 535 -5.22 65.39 -27.99
CA ASN B 535 -5.38 64.12 -27.26
C ASN B 535 -5.56 62.92 -28.17
N LEU B 536 -5.65 63.12 -29.50
CA LEU B 536 -5.83 62.03 -30.46
C LEU B 536 -4.50 61.47 -30.91
N ILE B 537 -3.69 61.08 -29.93
CA ILE B 537 -2.38 60.48 -30.23
C ILE B 537 -2.58 58.98 -30.50
N LEU B 538 -1.55 58.35 -31.09
CA LEU B 538 -1.45 56.90 -31.22
C LEU B 538 -1.17 56.44 -29.77
N ASN B 539 -2.14 55.79 -29.12
CA ASN B 539 -1.98 55.37 -27.73
C ASN B 539 -1.18 54.05 -27.62
N VAL B 540 -0.86 53.59 -26.39
CA VAL B 540 -0.10 52.38 -26.15
C VAL B 540 -0.79 51.13 -26.76
N ALA B 541 -2.14 51.05 -26.76
CA ALA B 541 -2.87 49.89 -27.30
C ALA B 541 -2.74 49.84 -28.83
N GLY B 542 -2.86 51.00 -29.47
CA GLY B 542 -2.71 51.10 -30.91
C GLY B 542 -1.28 50.79 -31.30
N CYS B 543 -0.33 51.30 -30.51
CA CYS B 543 1.09 51.03 -30.77
C CYS B 543 1.42 49.51 -30.70
N ILE B 544 0.95 48.82 -29.66
CA ILE B 544 1.19 47.37 -29.52
C ILE B 544 0.59 46.56 -30.69
N GLY B 545 -0.66 46.83 -31.07
CA GLY B 545 -1.37 46.09 -32.11
C GLY B 545 -0.71 46.25 -33.47
N ILE B 546 -0.41 47.51 -33.82
CA ILE B 546 0.25 47.82 -35.07
C ILE B 546 1.66 47.21 -35.14
N LEU B 547 2.45 47.33 -34.06
CA LEU B 547 3.81 46.78 -34.06
C LEU B 547 3.83 45.28 -34.09
N PHE B 548 2.84 44.63 -33.47
CA PHE B 548 2.75 43.19 -33.48
C PHE B 548 2.49 42.67 -34.90
N ILE B 549 1.67 43.39 -35.71
CA ILE B 549 1.41 43.07 -37.12
C ILE B 549 2.71 43.17 -37.88
N ASP B 550 3.49 44.26 -37.64
CA ASP B 550 4.81 44.39 -38.31
C ASP B 550 5.77 43.26 -37.92
N LEU B 551 5.74 42.85 -36.65
CA LEU B 551 6.57 41.78 -36.10
C LEU B 551 6.22 40.44 -36.78
N MET B 552 4.92 40.11 -36.82
CA MET B 552 4.47 38.89 -37.44
C MET B 552 4.78 38.90 -38.95
N SER B 553 4.54 40.03 -39.64
CA SER B 553 4.80 40.19 -41.08
C SER B 553 6.23 40.07 -41.41
N SER B 554 7.15 40.51 -40.53
CA SER B 554 8.55 40.54 -40.92
C SER B 554 9.46 39.49 -40.30
N CYS B 555 9.06 38.80 -39.25
CA CYS B 555 9.95 37.81 -38.61
C CYS B 555 10.15 36.49 -39.39
N GLY B 556 9.40 36.25 -40.47
CA GLY B 556 9.50 35.01 -41.23
C GLY B 556 8.79 33.80 -40.64
N ALA B 557 8.30 33.88 -39.37
CA ALA B 557 7.67 32.73 -38.70
C ALA B 557 6.15 32.55 -38.98
N PHE B 558 5.54 33.49 -39.67
CA PHE B 558 4.12 33.46 -39.92
C PHE B 558 3.80 33.65 -41.36
N SER B 559 2.88 32.85 -41.87
CA SER B 559 2.40 32.99 -43.22
C SER B 559 1.31 34.08 -43.22
N LYS B 560 0.92 34.57 -44.40
CA LYS B 560 -0.15 35.56 -44.51
C LYS B 560 -1.45 35.05 -43.85
N GLU B 561 -1.76 33.74 -44.02
CA GLU B 561 -2.95 33.09 -43.44
C GLU B 561 -2.90 33.09 -41.92
N GLU B 562 -1.73 32.76 -41.34
CA GLU B 562 -1.51 32.73 -39.89
C GLU B 562 -1.72 34.09 -39.29
N ILE B 563 -1.21 35.13 -39.95
CA ILE B 563 -1.38 36.51 -39.50
C ILE B 563 -2.86 36.89 -39.57
N ASP B 564 -3.55 36.55 -40.66
CA ASP B 564 -4.98 36.83 -40.79
C ASP B 564 -5.78 36.14 -39.66
N GLU B 565 -5.42 34.87 -39.32
CA GLU B 565 -6.08 34.13 -38.24
C GLU B 565 -5.86 34.82 -36.86
N VAL B 566 -4.62 35.27 -36.59
CA VAL B 566 -4.28 35.96 -35.34
C VAL B 566 -5.13 37.22 -35.21
N VAL B 567 -5.27 38.00 -36.30
CA VAL B 567 -6.04 39.24 -36.31
C VAL B 567 -7.52 39.02 -36.12
N ARG B 568 -8.06 38.06 -36.86
CA ARG B 568 -9.47 37.70 -36.78
C ARG B 568 -9.86 37.18 -35.41
N LEU B 569 -9.06 36.27 -34.82
CA LEU B 569 -9.44 35.67 -33.53
C LEU B 569 -9.21 36.55 -32.28
N GLY B 570 -8.35 37.56 -32.33
CA GLY B 570 -8.13 38.41 -31.17
C GLY B 570 -7.20 37.85 -30.11
N TYR B 571 -5.89 37.80 -30.41
CA TYR B 571 -4.89 37.33 -29.49
C TYR B 571 -4.35 38.46 -28.60
N LEU B 572 -4.18 39.65 -29.20
CA LEU B 572 -3.34 40.73 -28.69
C LEU B 572 -3.85 41.42 -27.45
N ASN B 573 -5.16 41.44 -27.18
CA ASN B 573 -5.69 41.96 -25.94
C ASN B 573 -5.22 41.13 -24.75
N GLY B 574 -4.86 39.86 -24.97
CA GLY B 574 -4.33 38.95 -23.97
C GLY B 574 -3.03 39.49 -23.39
N LEU B 575 -2.21 40.17 -24.20
CA LEU B 575 -0.96 40.77 -23.77
C LEU B 575 -1.24 41.88 -22.72
N PHE B 576 -2.25 42.73 -22.96
CA PHE B 576 -2.58 43.78 -22.01
C PHE B 576 -3.18 43.14 -20.72
N ALA B 577 -4.03 42.10 -20.85
CA ALA B 577 -4.62 41.48 -19.66
C ALA B 577 -3.51 40.88 -18.80
N LEU B 578 -2.57 40.19 -19.43
CA LEU B 578 -1.48 39.54 -18.74
C LEU B 578 -0.55 40.57 -18.07
N GLY B 579 -0.11 41.57 -18.85
CA GLY B 579 0.79 42.60 -18.35
C GLY B 579 0.15 43.40 -17.23
N ARG B 580 -1.05 43.95 -17.49
CA ARG B 580 -1.74 44.80 -16.51
C ARG B 580 -2.13 44.02 -15.21
N SER B 581 -2.20 42.68 -15.25
CA SER B 581 -2.48 41.91 -14.02
C SER B 581 -1.39 42.13 -12.96
N ILE B 582 -0.14 42.42 -13.38
CA ILE B 582 0.95 42.72 -12.47
C ILE B 582 0.58 43.98 -11.63
N GLY B 583 0.19 45.07 -12.28
CA GLY B 583 -0.16 46.29 -11.59
C GLY B 583 -1.44 46.13 -10.80
N LEU B 584 -2.45 45.40 -11.32
CA LEU B 584 -3.70 45.14 -10.56
C LEU B 584 -3.44 44.43 -9.27
N ILE B 585 -2.66 43.34 -9.30
CA ILE B 585 -2.28 42.63 -8.07
C ILE B 585 -1.50 43.58 -7.13
N GLY B 586 -0.56 44.37 -7.67
CA GLY B 586 0.14 45.38 -6.86
C GLY B 586 -0.81 46.37 -6.17
N HIS B 587 -1.79 46.93 -6.86
CA HIS B 587 -2.75 47.86 -6.28
C HIS B 587 -3.59 47.20 -5.21
N ILE B 588 -4.00 45.94 -5.43
CA ILE B 588 -4.77 45.19 -4.43
C ILE B 588 -3.97 45.05 -3.15
N LEU B 589 -2.69 44.60 -3.27
CA LEU B 589 -1.78 44.43 -2.13
C LEU B 589 -1.46 45.75 -1.42
N ASP B 590 -1.34 46.84 -2.18
CA ASP B 590 -1.06 48.16 -1.63
C ASP B 590 -2.18 48.58 -0.69
N GLN B 591 -3.45 48.37 -1.08
CA GLN B 591 -4.59 48.70 -0.24
C GLN B 591 -4.67 47.84 0.99
N LYS B 592 -4.26 46.57 0.89
CA LYS B 592 -4.23 45.68 2.06
C LYS B 592 -3.13 46.17 3.02
N ARG B 593 -1.91 46.56 2.51
CA ARG B 593 -0.83 47.05 3.39
C ARG B 593 -1.26 48.38 4.06
N LEU B 594 -1.96 49.24 3.31
CA LEU B 594 -2.39 50.54 3.83
C LEU B 594 -3.53 50.43 4.87
N GLY B 595 -4.14 49.26 5.00
CA GLY B 595 -5.28 49.05 5.90
C GLY B 595 -6.47 49.88 5.46
N SER B 596 -6.62 50.11 4.14
CA SER B 596 -7.70 50.93 3.58
C SER B 596 -9.11 50.50 4.02
N ARG B 597 -9.98 51.47 4.20
CA ARG B 597 -11.35 51.23 4.61
C ARG B 597 -12.20 51.02 3.35
N LEU B 598 -13.43 50.52 3.56
CA LEU B 598 -14.43 50.35 2.51
C LEU B 598 -14.67 51.71 1.79
N TYR B 599 -14.73 51.70 0.47
CA TYR B 599 -14.98 52.90 -0.31
C TYR B 599 -16.49 52.97 -0.59
N ARG B 600 -17.03 54.18 -0.59
CA ARG B 600 -18.39 54.41 -1.04
C ARG B 600 -18.27 55.68 -1.84
N HIS B 601 -18.70 55.70 -3.09
CA HIS B 601 -18.54 56.90 -3.94
C HIS B 601 -19.24 58.14 -3.32
N PRO B 602 -18.59 59.33 -3.25
CA PRO B 602 -19.24 60.47 -2.60
C PRO B 602 -20.49 60.90 -3.33
N ALA B 603 -21.60 61.17 -2.59
CA ALA B 603 -22.88 61.64 -3.10
C ALA B 603 -22.76 62.92 -3.91
N GLU B 604 -21.86 63.80 -3.50
N GLU B 604 -21.88 63.83 -3.48
CA GLU B 604 -21.60 65.09 -4.16
CA GLU B 604 -21.70 65.09 -4.18
C GLU B 604 -21.01 64.95 -5.57
C GLU B 604 -21.20 64.91 -5.62
N ASP B 605 -20.64 63.73 -5.96
CA ASP B 605 -20.11 63.47 -7.31
C ASP B 605 -21.17 62.83 -8.23
N ILE B 606 -22.41 62.68 -7.74
CA ILE B 606 -23.56 62.05 -8.41
C ILE B 606 -24.73 62.98 -8.48
N ALA B 607 -25.26 63.18 -9.69
CA ALA B 607 -26.48 63.98 -9.87
C ALA B 607 -27.62 62.99 -9.89
N TYR B 608 -28.44 62.94 -8.82
CA TYR B 608 -29.59 62.04 -8.75
C TYR B 608 -30.75 62.72 -9.48
N MET B 609 -31.19 62.17 -10.62
CA MET B 609 -32.23 62.78 -11.42
C MET B 609 -33.29 61.78 -11.69
N MET B 610 -34.20 61.64 -10.73
CA MET B 610 -35.32 60.70 -10.82
C MET B 610 -36.35 61.13 -11.83
N PRO B 611 -36.99 60.19 -12.54
CA PRO B 611 -38.08 60.57 -13.43
C PRO B 611 -39.31 61.00 -12.60
N SER B 612 -40.21 61.80 -13.20
CA SER B 612 -41.43 62.22 -12.48
C SER B 612 -42.43 61.06 -12.42
N GLU B 613 -43.50 61.20 -11.61
CA GLU B 613 -44.55 60.19 -11.54
C GLU B 613 -45.22 60.01 -12.91
N GLU B 614 -45.39 61.11 -13.64
CA GLU B 614 -45.97 61.17 -14.99
C GLU B 614 -45.11 60.37 -15.97
N GLU B 615 -43.78 60.49 -15.86
CA GLU B 615 -42.87 59.78 -16.74
C GLU B 615 -42.92 58.26 -16.55
N ILE B 616 -43.04 57.79 -15.30
CA ILE B 616 -43.06 56.35 -15.06
C ILE B 616 -44.45 55.71 -15.34
N GLN B 617 -45.51 56.53 -15.49
CA GLN B 617 -46.86 55.99 -15.72
C GLN B 617 -47.16 55.70 -17.16
N CYS B 618 -46.53 56.43 -18.11
CA CYS B 618 -46.82 56.20 -19.52
C CYS B 618 -45.53 55.92 -20.34
N LYS B 619 -45.16 56.75 -21.36
CA LYS B 619 -43.98 56.52 -22.19
C LYS B 619 -42.92 57.59 -21.88
#